data_5XEA
#
_entry.id   5XEA
#
_cell.length_a   106.198
_cell.length_b   66.768
_cell.length_c   120.737
_cell.angle_alpha   90.00
_cell.angle_beta   103.31
_cell.angle_gamma   90.00
#
_symmetry.space_group_name_H-M   'P 1 21 1'
#
loop_
_entity.id
_entity.type
_entity.pdbx_description
1 polymer 'Envelope glycoprotein'
2 branched 2-acetamido-2-deoxy-beta-D-glucopyranose-(1-4)-2-acetamido-2-deoxy-beta-D-glucopyranose
3 branched beta-D-mannopyranose-(1-4)-2-acetamido-2-deoxy-beta-D-glucopyranose-(1-4)-2-acetamido-2-deoxy-beta-D-glucopyranose
4 non-polymer 2-acetamido-2-deoxy-beta-D-glucopyranose
5 water water
#
_entity_poly.entity_id   1
_entity_poly.type   'polypeptide(L)'
_entity_poly.pdbx_seq_one_letter_code
;DCNTKTATGPYILDRYKPKPVTVSKKLYSATRYTTSAQNELLTAGYRTAWVAYCYNGGLVDSNTGCNARLLHYPPSRDEL
LLWGSSHQCSYGDICHDCWGSDSYACLGQLDPAKHWAPRKELVRRDANWKFAYHMCNIDWRCGVTTSPVFFNLQWVKNEV
KVSTLLPNGSTVEHSAGEPLFWTEKDFSYLVKDNFEIQREEVKISCFVDPDYWVGERKTKKAFCQDGTNFFEVTSHQFCH
QYACYNFSKDELLEAVYKERAHEKSKDLPFGNKSWTVVTASIDDLHALSAAQAFELEGLRASFAELDSRFRQLSEILDTV
ISSIAKIDERLIGRLIKAPVSSRFISEDKFLLHQCVDSVANNTNCVGDSAYVDGRWTHVGDNHPCTTVVDEPIGIDIYNF
SALWYPSAAEVDFRGTVQSEDGWSFVVKSKDALIQTMMYTKNGGKGTSLTDLLDYPSGWLKGQLGG
;
_entity_poly.pdbx_strand_id   A,B,C
#
loop_
_chem_comp.id
_chem_comp.type
_chem_comp.name
_chem_comp.formula
BMA D-saccharide, beta linking beta-D-mannopyranose 'C6 H12 O6'
NAG D-saccharide, beta linking 2-acetamido-2-deoxy-beta-D-glucopyranose 'C8 H15 N O6'
#
# COMPACT_ATOMS: atom_id res chain seq x y z
N THR A 6 -63.75 33.64 -0.77
CA THR A 6 -62.37 33.72 -1.25
C THR A 6 -61.51 32.62 -0.64
N ALA A 7 -61.10 31.69 -1.49
CA ALA A 7 -60.24 30.58 -1.13
C ALA A 7 -59.27 30.35 -2.28
N THR A 8 -58.15 29.70 -1.98
CA THR A 8 -57.22 29.27 -3.02
C THR A 8 -57.15 27.75 -3.07
N GLY A 9 -56.55 27.25 -4.13
CA GLY A 9 -56.51 25.81 -4.31
C GLY A 9 -57.25 25.34 -5.54
N PRO A 10 -57.43 24.03 -5.67
CA PRO A 10 -57.15 23.00 -4.65
C PRO A 10 -55.67 22.65 -4.49
N TYR A 11 -55.31 22.23 -3.27
CA TYR A 11 -53.99 21.71 -2.94
C TYR A 11 -54.09 20.22 -2.62
N ILE A 12 -52.92 19.57 -2.64
CA ILE A 12 -52.76 18.19 -2.21
C ILE A 12 -51.40 18.08 -1.50
N LEU A 13 -51.32 17.15 -0.55
CA LEU A 13 -50.06 16.96 0.15
C LEU A 13 -49.11 16.20 -0.77
N ASP A 14 -47.95 16.77 -1.05
CA ASP A 14 -46.93 16.06 -1.83
C ASP A 14 -46.40 14.85 -1.06
N ARG A 15 -46.19 13.75 -1.78
CA ARG A 15 -45.47 12.60 -1.26
C ARG A 15 -43.98 12.76 -1.59
N TYR A 16 -43.12 12.15 -0.76
CA TYR A 16 -41.69 12.17 -1.02
C TYR A 16 -41.34 11.14 -2.10
N LYS A 17 -40.60 11.57 -3.13
CA LYS A 17 -40.30 10.76 -4.31
C LYS A 17 -38.80 10.76 -4.61
N PRO A 18 -38.03 9.86 -4.04
CA PRO A 18 -36.60 9.82 -4.34
C PRO A 18 -36.34 9.25 -5.72
N LYS A 19 -35.33 9.80 -6.39
CA LYS A 19 -34.84 9.19 -7.61
C LYS A 19 -34.44 7.75 -7.30
N PRO A 20 -34.92 6.77 -8.06
CA PRO A 20 -34.61 5.37 -7.73
C PRO A 20 -33.13 5.05 -7.96
N VAL A 21 -32.62 4.18 -7.10
CA VAL A 21 -31.25 3.69 -7.16
C VAL A 21 -31.32 2.19 -7.31
N THR A 22 -30.73 1.66 -8.39
CA THR A 22 -31.06 0.34 -8.87
C THR A 22 -30.03 -0.74 -8.51
N VAL A 23 -29.07 -0.44 -7.63
CA VAL A 23 -28.14 -1.47 -7.18
C VAL A 23 -28.86 -2.42 -6.23
N SER A 24 -28.66 -3.72 -6.43
CA SER A 24 -29.39 -4.72 -5.67
C SER A 24 -28.47 -5.83 -5.20
N LYS A 25 -28.93 -6.55 -4.18
CA LYS A 25 -28.20 -7.68 -3.63
C LYS A 25 -28.64 -8.96 -4.32
N LYS A 26 -27.67 -9.82 -4.63
CA LYS A 26 -27.90 -11.09 -5.28
C LYS A 26 -27.34 -12.23 -4.43
N LEU A 27 -27.76 -13.45 -4.77
CA LEU A 27 -27.14 -14.66 -4.24
C LEU A 27 -26.84 -15.55 -5.45
N TYR A 28 -25.61 -15.49 -5.94
CA TYR A 28 -25.23 -16.20 -7.14
C TYR A 28 -24.76 -17.61 -6.82
N SER A 29 -25.14 -18.56 -7.66
CA SER A 29 -24.63 -19.92 -7.55
C SER A 29 -23.36 -20.04 -8.38
N ALA A 30 -22.37 -20.72 -7.81
CA ALA A 30 -21.11 -20.90 -8.52
C ALA A 30 -20.36 -22.09 -7.96
N THR A 31 -19.46 -22.63 -8.78
CA THR A 31 -18.48 -23.59 -8.33
C THR A 31 -17.21 -22.84 -7.92
N ARG A 32 -16.75 -23.09 -6.70
CA ARG A 32 -15.57 -22.45 -6.17
C ARG A 32 -14.46 -23.47 -5.98
N TYR A 33 -13.28 -23.17 -6.52
CA TYR A 33 -12.09 -24.01 -6.38
C TYR A 33 -11.13 -23.32 -5.43
N THR A 34 -10.88 -23.93 -4.27
CA THR A 34 -9.89 -23.46 -3.31
C THR A 34 -8.83 -24.55 -3.12
N THR A 35 -7.96 -24.37 -2.13
CA THR A 35 -6.84 -25.27 -1.89
C THR A 35 -6.67 -25.49 -0.40
N SER A 36 -6.09 -26.63 -0.05
CA SER A 36 -5.81 -26.95 1.34
C SER A 36 -5.01 -25.84 2.01
N ALA A 37 -3.83 -25.55 1.45
CA ALA A 37 -2.85 -24.68 2.10
C ALA A 37 -2.77 -23.33 1.41
N GLN A 38 -2.19 -22.37 2.14
CA GLN A 38 -1.93 -21.05 1.62
C GLN A 38 -0.62 -20.92 0.84
N ASN A 39 0.23 -21.95 0.82
CA ASN A 39 1.61 -21.78 0.34
C ASN A 39 2.07 -22.95 -0.50
N GLU A 40 2.85 -22.64 -1.55
CA GLU A 40 3.71 -23.61 -2.20
C GLU A 40 5.03 -23.70 -1.43
N LEU A 41 5.78 -24.76 -1.69
CA LEU A 41 7.11 -24.93 -1.08
C LEU A 41 8.17 -24.70 -2.15
N LEU A 42 8.97 -23.66 -1.96
CA LEU A 42 10.08 -23.36 -2.85
C LEU A 42 11.35 -23.92 -2.22
N THR A 43 12.00 -24.82 -2.94
CA THR A 43 13.35 -25.25 -2.62
C THR A 43 14.26 -24.63 -3.66
N ALA A 44 15.25 -23.88 -3.20
CA ALA A 44 16.22 -23.23 -4.09
C ALA A 44 17.63 -23.51 -3.60
N GLY A 45 18.48 -24.01 -4.48
CA GLY A 45 19.86 -24.32 -4.11
C GLY A 45 20.83 -23.87 -5.18
N TYR A 46 22.03 -23.50 -4.74
CA TYR A 46 23.07 -22.98 -5.63
C TYR A 46 24.40 -23.63 -5.32
N ARG A 47 25.30 -23.62 -6.30
CA ARG A 47 26.63 -24.19 -6.14
C ARG A 47 27.53 -23.70 -7.25
N THR A 48 28.67 -23.14 -6.87
CA THR A 48 29.64 -22.59 -7.80
C THR A 48 31.02 -22.91 -7.26
N ALA A 49 31.94 -23.20 -8.18
CA ALA A 49 33.36 -23.36 -7.89
C ALA A 49 34.12 -22.14 -8.39
N TRP A 50 35.07 -21.66 -7.58
CA TRP A 50 36.13 -20.80 -8.08
C TRP A 50 37.31 -21.69 -8.44
N VAL A 51 37.76 -21.58 -9.67
CA VAL A 51 38.87 -22.37 -10.17
C VAL A 51 39.92 -21.44 -10.76
N ALA A 52 41.11 -21.43 -10.18
CA ALA A 52 42.21 -20.58 -10.62
C ALA A 52 43.39 -21.49 -10.94
N TYR A 53 43.65 -21.66 -12.24
CA TYR A 53 44.72 -22.51 -12.75
C TYR A 53 45.81 -21.62 -13.34
N CYS A 54 47.01 -21.65 -12.75
CA CYS A 54 48.02 -20.68 -13.11
C CYS A 54 49.31 -21.38 -13.51
N TYR A 55 50.13 -20.69 -14.29
CA TYR A 55 51.49 -21.13 -14.59
C TYR A 55 52.42 -19.96 -14.34
N ASN A 56 53.53 -20.23 -13.66
CA ASN A 56 54.54 -19.22 -13.34
C ASN A 56 55.82 -19.64 -14.06
N GLY A 57 56.05 -19.08 -15.24
CA GLY A 57 57.32 -19.28 -15.92
C GLY A 57 58.11 -17.99 -16.06
N GLY A 58 57.82 -17.01 -15.20
CA GLY A 58 58.44 -15.70 -15.30
C GLY A 58 57.81 -14.89 -16.41
N LEU A 59 58.01 -13.56 -16.41
CA LEU A 59 57.24 -12.72 -17.33
C LEU A 59 57.73 -12.83 -18.77
N VAL A 60 58.91 -13.40 -19.00
CA VAL A 60 59.35 -13.56 -20.39
C VAL A 60 58.52 -14.61 -21.11
N ASP A 61 57.99 -15.60 -20.38
CA ASP A 61 57.22 -16.70 -20.97
C ASP A 61 55.77 -16.27 -21.24
N SER A 62 55.32 -16.37 -22.49
CA SER A 62 53.96 -15.92 -22.81
C SER A 62 52.89 -16.83 -22.21
N ASN A 63 53.25 -17.96 -21.63
CA ASN A 63 52.27 -18.83 -20.99
C ASN A 63 52.09 -18.53 -19.51
N THR A 64 52.89 -17.64 -18.94
CA THR A 64 52.71 -17.23 -17.56
C THR A 64 51.39 -16.48 -17.39
N GLY A 65 50.65 -16.84 -16.36
CA GLY A 65 49.39 -16.17 -16.07
C GLY A 65 48.39 -17.16 -15.49
N CYS A 66 47.12 -16.74 -15.49
CA CYS A 66 46.08 -17.49 -14.79
C CYS A 66 44.83 -17.60 -15.64
N ASN A 67 44.23 -18.79 -15.60
CA ASN A 67 42.89 -19.02 -16.13
C ASN A 67 42.03 -19.20 -14.88
N ALA A 68 41.47 -18.10 -14.40
CA ALA A 68 40.78 -18.07 -13.11
C ALA A 68 39.34 -17.64 -13.36
N ARG A 69 38.39 -18.45 -12.88
CA ARG A 69 37.00 -18.13 -13.17
C ARG A 69 36.07 -18.91 -12.24
N LEU A 70 34.83 -18.45 -12.22
CA LEU A 70 33.73 -19.13 -11.55
C LEU A 70 33.07 -20.08 -12.54
N LEU A 71 32.72 -21.26 -12.04
CA LEU A 71 32.06 -22.32 -12.81
C LEU A 71 30.85 -22.79 -12.01
N HIS A 72 29.68 -22.76 -12.63
CA HIS A 72 28.46 -23.08 -11.90
C HIS A 72 28.14 -24.56 -12.01
N TYR A 73 27.80 -25.16 -10.87
CA TYR A 73 27.32 -26.54 -10.79
C TYR A 73 25.99 -26.55 -10.04
N PRO A 74 24.95 -26.01 -10.66
CA PRO A 74 23.62 -25.97 -9.98
C PRO A 74 23.14 -27.38 -9.68
N PRO A 75 22.54 -27.60 -8.52
CA PRO A 75 22.12 -28.97 -8.16
C PRO A 75 21.09 -29.51 -9.14
N SER A 76 21.20 -30.81 -9.41
CA SER A 76 20.20 -31.47 -10.22
C SER A 76 18.93 -31.64 -9.41
N ARG A 77 17.88 -32.11 -10.08
CA ARG A 77 16.60 -32.27 -9.39
C ARG A 77 16.73 -33.22 -8.20
N ASP A 78 17.36 -34.38 -8.43
CA ASP A 78 17.54 -35.36 -7.36
C ASP A 78 18.41 -34.81 -6.24
N GLU A 79 19.45 -34.04 -6.58
CA GLU A 79 20.27 -33.41 -5.54
C GLU A 79 19.46 -32.38 -4.76
N LEU A 80 18.74 -31.52 -5.48
CA LEU A 80 17.95 -30.48 -4.82
C LEU A 80 16.93 -31.10 -3.87
N LEU A 81 16.33 -32.24 -4.27
CA LEU A 81 15.41 -32.94 -3.38
C LEU A 81 16.11 -33.36 -2.09
N LEU A 82 17.35 -33.86 -2.21
CA LEU A 82 18.08 -34.31 -1.04
C LEU A 82 18.56 -33.13 -0.21
N TRP A 83 19.03 -32.05 -0.86
CA TRP A 83 19.37 -30.85 -0.13
C TRP A 83 18.17 -30.30 0.63
N GLY A 84 16.99 -30.36 0.02
CA GLY A 84 15.77 -29.89 0.70
C GLY A 84 15.46 -30.68 1.96
N SER A 85 15.42 -32.01 1.85
CA SER A 85 15.03 -32.84 2.99
C SER A 85 16.05 -32.79 4.12
N SER A 86 17.35 -32.66 3.79
CA SER A 86 18.42 -32.68 4.81
C SER A 86 18.91 -31.31 5.26
N HIS A 87 18.60 -30.24 4.53
CA HIS A 87 18.99 -28.86 4.89
C HIS A 87 20.51 -28.71 4.90
N GLN A 88 21.15 -29.31 3.91
CA GLN A 88 22.59 -29.18 3.70
C GLN A 88 22.84 -29.21 2.20
N CYS A 89 23.98 -28.68 1.79
CA CYS A 89 24.37 -28.66 0.39
C CYS A 89 25.72 -29.38 0.28
N SER A 90 26.05 -29.83 -0.92
CA SER A 90 27.32 -30.51 -1.16
C SER A 90 28.21 -29.65 -2.04
N TYR A 91 29.52 -29.97 -2.03
CA TYR A 91 30.50 -29.25 -2.82
C TYR A 91 31.71 -30.17 -3.02
N GLY A 92 32.59 -29.79 -3.94
CA GLY A 92 33.74 -30.61 -4.33
C GLY A 92 34.95 -30.42 -3.44
N ASP A 93 36.06 -31.06 -3.85
CA ASP A 93 37.33 -30.89 -3.16
C ASP A 93 37.83 -29.45 -3.28
N ILE A 94 38.44 -28.97 -2.20
CA ILE A 94 39.17 -27.71 -2.19
C ILE A 94 40.64 -27.97 -2.50
N CYS A 95 41.26 -27.06 -3.26
CA CYS A 95 42.70 -27.06 -3.52
C CYS A 95 43.27 -25.71 -3.14
N HIS A 96 44.20 -25.71 -2.19
CA HIS A 96 44.82 -24.47 -1.73
C HIS A 96 46.27 -24.47 -2.21
N ASP A 97 46.59 -23.64 -3.21
CA ASP A 97 47.96 -23.50 -3.74
C ASP A 97 48.56 -24.85 -4.12
N CYS A 98 47.77 -25.68 -4.81
CA CYS A 98 48.24 -27.01 -5.21
C CYS A 98 49.12 -26.90 -6.44
N TRP A 99 50.39 -27.28 -6.31
CA TRP A 99 51.36 -27.15 -7.39
C TRP A 99 51.89 -28.52 -7.82
N GLY A 100 52.54 -28.53 -8.98
CA GLY A 100 53.12 -29.77 -9.49
C GLY A 100 52.03 -30.78 -9.83
N SER A 101 52.22 -32.03 -9.39
CA SER A 101 51.24 -33.06 -9.73
C SER A 101 49.89 -32.80 -9.08
N ASP A 102 49.86 -32.03 -7.99
CA ASP A 102 48.58 -31.67 -7.37
C ASP A 102 47.81 -30.64 -8.19
N SER A 103 48.47 -29.90 -9.07
CA SER A 103 47.82 -28.82 -9.79
C SER A 103 46.87 -29.32 -10.87
N TYR A 104 46.96 -30.58 -11.27
CA TYR A 104 46.09 -31.12 -12.30
C TYR A 104 44.65 -31.27 -11.84
N ALA A 105 44.39 -31.17 -10.53
CA ALA A 105 43.02 -31.14 -10.04
C ALA A 105 42.19 -30.04 -10.67
N CYS A 106 42.84 -28.98 -11.20
CA CYS A 106 42.14 -27.90 -11.87
C CYS A 106 41.74 -28.26 -13.29
N LEU A 107 42.08 -29.46 -13.77
CA LEU A 107 41.80 -29.87 -15.14
C LEU A 107 40.76 -30.98 -15.16
N GLY A 108 40.07 -31.08 -16.30
CA GLY A 108 39.11 -32.14 -16.47
C GLY A 108 37.80 -31.85 -15.76
N GLN A 109 37.10 -32.93 -15.44
CA GLN A 109 35.78 -32.85 -14.82
C GLN A 109 35.91 -32.80 -13.30
N LEU A 110 35.19 -31.85 -12.68
CA LEU A 110 35.16 -31.78 -11.22
C LEU A 110 33.91 -32.47 -10.68
N ASP A 111 34.09 -33.18 -9.57
CA ASP A 111 32.98 -33.80 -8.86
C ASP A 111 32.44 -32.80 -7.85
N PRO A 112 31.25 -32.22 -8.07
CA PRO A 112 30.77 -31.15 -7.19
C PRO A 112 30.08 -31.62 -5.92
N ALA A 113 30.08 -32.93 -5.61
CA ALA A 113 29.31 -33.42 -4.47
C ALA A 113 30.15 -34.43 -3.66
N LYS A 114 31.18 -33.92 -2.99
CA LYS A 114 32.10 -34.74 -2.20
C LYS A 114 32.10 -34.42 -0.71
N HIS A 115 31.58 -33.27 -0.30
CA HIS A 115 31.49 -32.92 1.10
C HIS A 115 30.14 -32.25 1.34
N TRP A 116 29.71 -32.23 2.60
CA TRP A 116 28.41 -31.68 2.97
C TRP A 116 28.59 -30.60 4.04
N ALA A 117 27.76 -29.55 3.96
CA ALA A 117 27.77 -28.49 4.95
C ALA A 117 26.39 -27.84 4.96
N PRO A 118 25.98 -27.26 6.09
CA PRO A 118 24.75 -26.46 6.07
C PRO A 118 24.82 -25.33 5.07
N ARG A 119 25.98 -24.68 5.02
CA ARG A 119 26.25 -23.68 3.99
CA ARG A 119 26.26 -23.62 4.06
C ARG A 119 27.77 -23.59 3.83
N LYS A 120 28.18 -23.02 2.70
CA LYS A 120 29.59 -22.91 2.41
C LYS A 120 29.84 -21.71 1.53
N GLU A 121 30.81 -20.87 1.89
CA GLU A 121 31.22 -19.76 1.04
C GLU A 121 32.65 -19.97 0.54
N LEU A 122 32.92 -19.54 -0.68
CA LEU A 122 34.27 -19.74 -1.18
C LEU A 122 35.18 -18.57 -0.81
N VAL A 123 36.47 -18.85 -0.90
CA VAL A 123 37.53 -17.86 -0.78
C VAL A 123 38.16 -17.73 -2.16
N ARG A 124 38.41 -16.50 -2.59
CA ARG A 124 38.92 -16.25 -3.93
C ARG A 124 40.44 -16.12 -3.84
N ARG A 125 41.16 -17.06 -4.44
CA ARG A 125 42.61 -17.06 -4.42
CA ARG A 125 42.61 -17.09 -4.41
C ARG A 125 43.14 -17.41 -5.81
N ASP A 126 44.17 -16.69 -6.24
CA ASP A 126 44.74 -17.05 -7.54
C ASP A 126 46.27 -17.00 -7.50
N ALA A 127 46.85 -17.45 -6.39
CA ALA A 127 48.29 -17.38 -6.19
C ALA A 127 49.04 -18.18 -7.26
N ASN A 128 50.29 -17.80 -7.51
CA ASN A 128 51.06 -18.37 -8.60
C ASN A 128 52.56 -18.25 -8.30
N TRP A 129 52.96 -18.62 -7.10
CA TRP A 129 54.25 -18.19 -6.57
C TRP A 129 55.37 -19.21 -6.77
N LYS A 130 55.11 -20.30 -7.49
CA LYS A 130 56.06 -21.42 -7.64
C LYS A 130 56.62 -21.40 -9.05
N PHE A 131 57.81 -20.80 -9.20
CA PHE A 131 58.42 -20.63 -10.51
C PHE A 131 58.65 -21.98 -11.20
N ALA A 132 58.32 -22.03 -12.50
CA ALA A 132 58.37 -23.19 -13.38
C ALA A 132 57.29 -24.23 -13.07
N TYR A 133 56.27 -23.89 -12.27
CA TYR A 133 55.22 -24.84 -11.94
C TYR A 133 53.84 -24.23 -12.21
N HIS A 134 52.87 -25.09 -12.50
CA HIS A 134 51.48 -24.71 -12.45
C HIS A 134 50.99 -24.70 -11.02
N MET A 135 49.98 -23.85 -10.75
CA MET A 135 49.45 -23.76 -9.40
C MET A 135 47.94 -23.61 -9.51
N CYS A 136 47.23 -24.36 -8.66
CA CYS A 136 45.79 -24.57 -8.79
C CYS A 136 45.11 -24.19 -7.48
N ASN A 137 44.15 -23.29 -7.54
CA ASN A 137 43.27 -23.03 -6.41
C ASN A 137 41.83 -23.31 -6.80
N ILE A 138 41.14 -24.07 -5.97
CA ILE A 138 39.74 -24.41 -6.19
C ILE A 138 39.04 -24.22 -4.86
N ASP A 139 37.92 -23.50 -4.87
CA ASP A 139 37.08 -23.45 -3.69
C ASP A 139 35.63 -23.37 -4.14
N TRP A 140 34.73 -23.59 -3.19
CA TRP A 140 33.33 -23.82 -3.50
C TRP A 140 32.44 -22.97 -2.62
N ARG A 141 31.27 -22.64 -3.16
CA ARG A 141 30.18 -22.08 -2.36
C ARG A 141 28.93 -22.89 -2.63
N CYS A 142 28.11 -23.08 -1.61
CA CYS A 142 26.82 -23.69 -1.88
C CYS A 142 25.85 -23.33 -0.77
N GLY A 143 24.56 -23.39 -1.09
CA GLY A 143 23.55 -23.15 -0.07
C GLY A 143 22.20 -23.63 -0.54
N VAL A 144 21.27 -23.74 0.40
CA VAL A 144 19.92 -24.21 0.10
C VAL A 144 18.93 -23.49 1.01
N THR A 145 17.75 -23.19 0.46
CA THR A 145 16.62 -22.71 1.27
C THR A 145 15.38 -23.53 0.93
N THR A 146 14.54 -23.75 1.95
CA THR A 146 13.21 -24.35 1.77
C THR A 146 12.19 -23.40 2.39
N SER A 147 11.40 -22.73 1.55
CA SER A 147 10.60 -21.59 2.00
C SER A 147 9.17 -21.62 1.46
N PRO A 148 8.18 -21.33 2.30
CA PRO A 148 6.81 -21.22 1.79
C PRO A 148 6.62 -19.92 1.03
N VAL A 149 6.01 -20.02 -0.16
CA VAL A 149 5.70 -18.87 -1.00
C VAL A 149 4.24 -18.91 -1.42
N PHE A 150 3.61 -17.73 -1.51
CA PHE A 150 2.19 -17.70 -1.86
C PHE A 150 2.01 -17.82 -3.37
N PHE A 151 0.79 -18.16 -3.78
CA PHE A 151 0.48 -18.42 -5.17
C PHE A 151 -0.92 -17.90 -5.47
N ASN A 152 -1.30 -17.91 -6.76
CA ASN A 152 -2.67 -17.67 -7.20
C ASN A 152 -3.18 -18.93 -7.91
N LEU A 153 -4.51 -19.07 -7.99
CA LEU A 153 -5.11 -20.00 -8.94
C LEU A 153 -5.52 -19.22 -10.18
N GLN A 154 -5.65 -19.94 -11.30
CA GLN A 154 -5.94 -19.31 -12.57
CA GLN A 154 -5.94 -19.31 -12.57
C GLN A 154 -6.61 -20.31 -13.49
N TRP A 155 -7.61 -19.84 -14.23
CA TRP A 155 -8.25 -20.66 -15.25
C TRP A 155 -7.35 -20.75 -16.47
N VAL A 156 -6.98 -21.97 -16.86
CA VAL A 156 -6.27 -22.21 -18.11
C VAL A 156 -7.14 -23.12 -18.97
N LYS A 157 -7.49 -22.65 -20.18
CA LYS A 157 -8.50 -23.27 -21.02
C LYS A 157 -9.81 -23.30 -20.27
N ASN A 158 -10.15 -24.45 -19.69
CA ASN A 158 -11.29 -24.53 -18.79
C ASN A 158 -10.96 -25.37 -17.57
N GLU A 159 -9.73 -25.30 -17.09
CA GLU A 159 -9.34 -25.99 -15.87
C GLU A 159 -8.62 -25.02 -14.94
N VAL A 160 -8.61 -25.36 -13.67
CA VAL A 160 -8.06 -24.49 -12.64
C VAL A 160 -6.64 -24.96 -12.35
N LYS A 161 -5.67 -24.10 -12.65
CA LYS A 161 -4.26 -24.40 -12.40
C LYS A 161 -3.76 -23.58 -11.22
N VAL A 162 -2.67 -24.07 -10.63
CA VAL A 162 -1.89 -23.26 -9.71
C VAL A 162 -1.04 -22.30 -10.52
N SER A 163 -0.97 -21.05 -10.07
CA SER A 163 -0.16 -20.04 -10.74
C SER A 163 1.00 -19.71 -9.82
N THR A 164 2.18 -20.20 -10.18
CA THR A 164 3.39 -19.90 -9.44
C THR A 164 3.89 -18.52 -9.85
N LEU A 165 4.25 -17.71 -8.87
CA LEU A 165 4.56 -16.31 -9.10
C LEU A 165 6.08 -16.13 -9.06
N LEU A 166 6.64 -15.61 -10.12
CA LEU A 166 8.08 -15.43 -10.15
C LEU A 166 8.43 -13.98 -9.82
N PRO A 167 9.60 -13.76 -9.20
CA PRO A 167 9.96 -12.40 -8.76
C PRO A 167 10.08 -11.37 -9.89
N ASN A 168 10.23 -11.78 -11.15
CA ASN A 168 10.26 -10.80 -12.23
C ASN A 168 8.86 -10.48 -12.80
N GLY A 169 7.79 -10.97 -12.20
CA GLY A 169 6.44 -10.65 -12.61
C GLY A 169 5.83 -11.61 -13.60
N SER A 170 6.61 -12.58 -14.08
CA SER A 170 6.07 -13.69 -14.86
C SER A 170 5.44 -14.70 -13.93
N THR A 171 4.67 -15.60 -14.52
CA THR A 171 3.98 -16.64 -13.77
C THR A 171 4.02 -17.93 -14.59
N VAL A 172 3.98 -19.06 -13.88
CA VAL A 172 3.97 -20.37 -14.50
C VAL A 172 2.74 -21.13 -14.03
N GLU A 173 1.88 -21.49 -14.97
CA GLU A 173 0.65 -22.22 -14.65
C GLU A 173 0.90 -23.72 -14.78
N HIS A 174 0.46 -24.47 -13.77
CA HIS A 174 0.67 -25.91 -13.73
C HIS A 174 -0.39 -26.51 -12.82
N SER A 175 -0.53 -27.83 -12.90
CA SER A 175 -1.41 -28.52 -11.99
C SER A 175 -0.78 -28.60 -10.61
N ALA A 176 -1.63 -28.73 -9.59
CA ALA A 176 -1.13 -28.86 -8.23
C ALA A 176 -0.25 -30.10 -8.04
N GLY A 177 -0.39 -31.09 -8.92
CA GLY A 177 0.35 -32.33 -8.77
C GLY A 177 1.72 -32.34 -9.42
N GLU A 178 1.92 -31.49 -10.42
CA GLU A 178 3.17 -31.48 -11.17
C GLU A 178 4.10 -30.41 -10.66
N PRO A 179 5.19 -30.76 -9.98
CA PRO A 179 6.14 -29.74 -9.52
C PRO A 179 6.78 -28.99 -10.67
N LEU A 180 7.25 -27.78 -10.39
CA LEU A 180 8.10 -27.03 -11.28
C LEU A 180 9.56 -27.25 -10.92
N PHE A 181 10.40 -27.45 -11.92
CA PHE A 181 11.84 -27.54 -11.72
C PHE A 181 12.54 -26.88 -12.89
N TRP A 182 13.46 -25.97 -12.59
CA TRP A 182 14.28 -25.38 -13.62
C TRP A 182 15.61 -24.96 -13.01
N THR A 183 16.54 -24.65 -13.90
CA THR A 183 17.89 -24.31 -13.54
C THR A 183 18.30 -23.02 -14.24
N GLU A 184 18.98 -22.13 -13.52
CA GLU A 184 19.40 -20.84 -14.06
C GLU A 184 20.76 -20.48 -13.46
N LYS A 185 21.81 -20.47 -14.29
CA LYS A 185 23.18 -20.17 -13.83
C LYS A 185 23.59 -21.05 -12.66
N ASP A 186 23.82 -20.47 -11.48
CA ASP A 186 24.23 -21.24 -10.32
C ASP A 186 23.07 -21.91 -9.58
N PHE A 187 21.82 -21.49 -9.82
CA PHE A 187 20.68 -21.89 -9.02
C PHE A 187 19.86 -22.98 -9.71
N SER A 188 19.31 -23.87 -8.90
CA SER A 188 18.22 -24.72 -9.33
C SER A 188 17.01 -24.46 -8.44
N TYR A 189 15.82 -24.61 -9.01
CA TYR A 189 14.58 -24.25 -8.34
C TYR A 189 13.57 -25.38 -8.42
N LEU A 190 12.99 -25.74 -7.27
CA LEU A 190 11.93 -26.75 -7.17
C LEU A 190 10.72 -26.16 -6.45
N VAL A 191 9.58 -26.13 -7.13
CA VAL A 191 8.32 -25.67 -6.53
C VAL A 191 7.40 -26.88 -6.35
N LYS A 192 7.08 -27.23 -5.11
CA LYS A 192 6.17 -28.33 -4.79
C LYS A 192 4.89 -27.82 -4.16
N ASP A 193 3.76 -28.44 -4.51
CA ASP A 193 2.46 -28.16 -3.91
C ASP A 193 2.08 -29.30 -2.98
N ASN A 194 2.17 -29.05 -1.68
CA ASN A 194 1.70 -30.02 -0.69
C ASN A 194 0.23 -29.77 -0.33
N PHE A 195 -0.61 -29.73 -1.37
CA PHE A 195 -2.03 -29.44 -1.22
C PHE A 195 -2.75 -29.96 -2.45
N GLU A 196 -4.08 -30.02 -2.37
CA GLU A 196 -4.91 -30.34 -3.51
C GLU A 196 -6.03 -29.32 -3.63
N ILE A 197 -6.50 -29.14 -4.86
CA ILE A 197 -7.57 -28.19 -5.14
C ILE A 197 -8.91 -28.85 -4.82
N GLN A 198 -9.75 -28.15 -4.06
CA GLN A 198 -11.05 -28.64 -3.63
C GLN A 198 -12.15 -27.99 -4.46
N ARG A 199 -13.16 -28.79 -4.82
CA ARG A 199 -14.31 -28.31 -5.58
C ARG A 199 -15.53 -28.24 -4.67
N GLU A 200 -16.24 -27.11 -4.70
CA GLU A 200 -17.41 -26.96 -3.85
C GLU A 200 -18.45 -26.07 -4.51
N GLU A 201 -19.71 -26.47 -4.38
CA GLU A 201 -20.82 -25.64 -4.82
C GLU A 201 -21.16 -24.64 -3.73
N VAL A 202 -21.29 -23.36 -4.10
CA VAL A 202 -21.50 -22.28 -3.14
C VAL A 202 -22.47 -21.25 -3.67
N LYS A 203 -22.92 -20.39 -2.75
CA LYS A 203 -23.73 -19.21 -3.04
C LYS A 203 -22.96 -17.97 -2.57
N ILE A 204 -22.74 -17.02 -3.47
CA ILE A 204 -21.93 -15.85 -3.18
C ILE A 204 -22.82 -14.62 -3.19
N SER A 205 -22.72 -13.81 -2.13
CA SER A 205 -23.47 -12.56 -2.09
C SER A 205 -22.74 -11.48 -2.86
N CYS A 206 -23.44 -10.83 -3.79
CA CYS A 206 -22.91 -9.76 -4.61
C CYS A 206 -23.92 -8.62 -4.70
N PHE A 207 -23.39 -7.41 -4.88
CA PHE A 207 -24.18 -6.25 -5.28
C PHE A 207 -23.94 -6.01 -6.76
N VAL A 208 -25.00 -6.07 -7.56
CA VAL A 208 -24.94 -5.79 -8.99
C VAL A 208 -25.56 -4.43 -9.22
N ASP A 209 -24.79 -3.54 -9.83
CA ASP A 209 -25.23 -2.18 -10.10
C ASP A 209 -25.45 -2.08 -11.61
N PRO A 210 -26.70 -1.99 -12.09
CA PRO A 210 -26.94 -2.09 -13.53
C PRO A 210 -26.64 -0.81 -14.30
N ASP A 211 -26.48 0.32 -13.63
CA ASP A 211 -26.06 1.57 -14.25
C ASP A 211 -24.93 2.12 -13.38
N TYR A 212 -23.69 1.85 -13.78
CA TYR A 212 -22.53 2.26 -13.00
C TYR A 212 -21.75 3.41 -13.62
N TRP A 213 -22.18 3.94 -14.78
CA TRP A 213 -21.53 5.07 -15.42
C TRP A 213 -20.07 4.79 -15.81
N VAL A 214 -19.17 5.60 -15.26
CA VAL A 214 -17.77 5.63 -15.67
C VAL A 214 -17.71 6.02 -17.14
N GLY A 215 -18.27 7.17 -17.50
CA GLY A 215 -18.15 7.68 -18.84
C GLY A 215 -18.88 6.89 -19.92
N GLU A 216 -19.47 5.74 -19.56
CA GLU A 216 -20.09 4.86 -20.54
C GLU A 216 -21.20 5.57 -21.32
N LYS A 220 -24.24 -3.87 -14.52
CA LYS A 220 -23.08 -4.00 -15.40
C LYS A 220 -21.77 -4.06 -14.61
N LYS A 221 -21.86 -3.87 -13.29
CA LYS A 221 -20.75 -4.16 -12.38
C LYS A 221 -21.26 -4.95 -11.19
N ALA A 222 -20.53 -5.98 -10.81
CA ALA A 222 -20.89 -6.80 -9.67
C ALA A 222 -19.71 -6.88 -8.71
N PHE A 223 -19.98 -6.64 -7.43
CA PHE A 223 -18.98 -6.69 -6.37
C PHE A 223 -19.39 -7.76 -5.39
N CYS A 224 -18.49 -8.70 -5.13
CA CYS A 224 -18.87 -9.87 -4.34
C CYS A 224 -18.02 -9.98 -3.09
N GLN A 225 -18.53 -10.77 -2.15
CA GLN A 225 -17.79 -11.11 -0.94
C GLN A 225 -17.84 -12.62 -0.76
N ASP A 226 -16.69 -13.22 -0.48
CA ASP A 226 -16.63 -14.64 -0.10
C ASP A 226 -15.74 -14.70 1.13
N GLY A 227 -16.36 -14.60 2.29
CA GLY A 227 -15.59 -14.57 3.52
C GLY A 227 -14.78 -13.30 3.60
N THR A 228 -13.46 -13.43 3.75
CA THR A 228 -12.58 -12.27 3.82
C THR A 228 -12.04 -11.86 2.46
N ASN A 229 -12.58 -12.39 1.37
CA ASN A 229 -12.18 -12.03 0.02
C ASN A 229 -13.28 -11.24 -0.67
N PHE A 230 -12.89 -10.13 -1.29
CA PHE A 230 -13.77 -9.23 -2.00
C PHE A 230 -13.23 -9.03 -3.41
N PHE A 231 -14.11 -9.02 -4.39
CA PHE A 231 -13.68 -8.92 -5.77
C PHE A 231 -14.83 -8.43 -6.64
N GLU A 232 -14.46 -7.83 -7.77
CA GLU A 232 -15.40 -7.45 -8.81
C GLU A 232 -15.48 -8.58 -9.83
N VAL A 233 -16.65 -9.20 -9.96
CA VAL A 233 -16.83 -10.24 -10.94
C VAL A 233 -16.87 -9.61 -12.33
N THR A 234 -16.00 -10.07 -13.22
CA THR A 234 -15.86 -9.52 -14.55
C THR A 234 -16.13 -10.53 -15.66
N SER A 235 -16.39 -11.79 -15.30
CA SER A 235 -16.73 -12.83 -16.26
C SER A 235 -17.30 -14.00 -15.48
N HIS A 236 -17.85 -14.97 -16.20
CA HIS A 236 -18.40 -16.15 -15.54
CA HIS A 236 -18.39 -16.16 -15.56
C HIS A 236 -17.29 -17.05 -15.00
N GLN A 237 -16.13 -17.08 -15.66
CA GLN A 237 -14.97 -17.83 -15.20
C GLN A 237 -13.93 -16.84 -14.69
N PHE A 238 -13.64 -16.91 -13.39
CA PHE A 238 -12.98 -15.81 -12.70
C PHE A 238 -12.14 -16.36 -11.56
N CYS A 239 -11.02 -15.69 -11.29
CA CYS A 239 -10.14 -16.06 -10.19
C CYS A 239 -9.75 -14.83 -9.37
N HIS A 240 -9.62 -15.03 -8.06
CA HIS A 240 -9.12 -14.00 -7.15
C HIS A 240 -8.20 -14.67 -6.13
N GLN A 241 -6.89 -14.39 -6.22
CA GLN A 241 -5.87 -14.98 -5.34
C GLN A 241 -6.02 -16.49 -5.21
N TYR A 242 -6.27 -17.02 -4.01
CA TYR A 242 -6.27 -18.47 -3.79
C TYR A 242 -7.55 -19.18 -4.24
N ALA A 243 -8.41 -18.58 -5.07
CA ALA A 243 -9.70 -19.19 -5.37
C ALA A 243 -10.14 -18.82 -6.79
N CYS A 244 -10.75 -19.78 -7.46
CA CYS A 244 -11.30 -19.58 -8.79
C CYS A 244 -12.79 -19.88 -8.78
N TYR A 245 -13.53 -19.16 -9.61
CA TYR A 245 -14.98 -19.21 -9.60
C TYR A 245 -15.50 -19.47 -11.01
N ASN A 246 -16.58 -20.25 -11.08
CA ASN A 246 -17.34 -20.47 -12.31
C ASN A 246 -18.79 -20.10 -12.03
N PHE A 247 -19.23 -18.98 -12.59
CA PHE A 247 -20.58 -18.45 -12.38
C PHE A 247 -21.53 -18.93 -13.46
N SER A 248 -22.79 -19.15 -13.06
CA SER A 248 -23.82 -19.60 -13.99
C SER A 248 -24.02 -18.62 -15.14
N LYS A 249 -24.55 -19.14 -16.25
CA LYS A 249 -24.77 -18.32 -17.44
C LYS A 249 -26.04 -17.48 -17.31
N ASP A 250 -26.21 -16.82 -16.16
CA ASP A 250 -27.30 -15.87 -15.98
C ASP A 250 -26.76 -14.45 -16.15
N GLU A 251 -27.27 -13.53 -15.34
CA GLU A 251 -26.83 -12.12 -15.32
C GLU A 251 -26.60 -11.54 -16.71
N ASP A 267 -0.82 -1.31 -15.88
CA ASP A 267 0.00 -0.17 -16.28
C ASP A 267 1.19 -0.57 -17.15
N LEU A 268 1.29 0.09 -18.30
CA LEU A 268 2.39 -0.17 -19.24
C LEU A 268 3.77 0.19 -18.70
N PRO A 269 3.94 1.14 -17.72
CA PRO A 269 5.26 1.33 -17.13
C PRO A 269 5.92 0.06 -16.59
N PHE A 270 5.11 -0.96 -16.31
CA PHE A 270 5.62 -2.21 -15.72
C PHE A 270 5.54 -3.40 -16.66
N GLY A 271 5.09 -3.21 -17.91
CA GLY A 271 4.90 -4.36 -18.77
C GLY A 271 3.73 -5.20 -18.28
N ASN A 272 3.74 -6.47 -18.71
CA ASN A 272 2.67 -7.38 -18.33
C ASN A 272 2.94 -8.00 -16.96
N LYS A 273 3.67 -7.30 -16.11
CA LYS A 273 4.09 -7.90 -14.84
C LYS A 273 2.92 -8.13 -13.91
N SER A 274 2.94 -9.29 -13.24
CA SER A 274 2.01 -9.54 -12.16
C SER A 274 2.06 -8.41 -11.14
N TRP A 275 0.89 -7.91 -10.76
CA TRP A 275 0.81 -6.84 -9.77
C TRP A 275 1.34 -7.27 -8.41
N THR A 276 1.55 -8.57 -8.20
CA THR A 276 2.16 -9.06 -6.96
C THR A 276 3.67 -8.79 -6.89
N VAL A 277 4.31 -8.29 -7.95
CA VAL A 277 5.72 -7.90 -7.87
C VAL A 277 5.90 -6.40 -7.92
N VAL A 278 4.83 -5.62 -8.09
CA VAL A 278 4.96 -4.17 -8.18
C VAL A 278 4.75 -3.57 -6.80
N THR A 279 5.72 -2.79 -6.36
CA THR A 279 5.68 -2.16 -5.04
C THR A 279 4.68 -1.02 -5.01
N ALA A 280 3.76 -1.03 -4.02
CA ALA A 280 2.90 0.13 -3.80
C ALA A 280 3.68 1.27 -3.14
N SER A 281 3.41 2.49 -3.58
CA SER A 281 4.05 3.67 -3.00
C SER A 281 3.16 4.27 -1.93
N ILE A 282 3.77 5.07 -1.04
CA ILE A 282 3.00 5.88 -0.11
C ILE A 282 2.02 6.77 -0.88
N ASP A 283 2.43 7.23 -2.07
CA ASP A 283 1.53 8.07 -2.86
C ASP A 283 0.27 7.29 -3.22
N ASP A 284 0.42 6.01 -3.60
CA ASP A 284 -0.76 5.19 -3.86
C ASP A 284 -1.63 5.04 -2.63
N LEU A 285 -1.02 4.91 -1.45
CA LEU A 285 -1.82 4.81 -0.22
C LEU A 285 -2.57 6.10 0.05
N HIS A 286 -1.93 7.24 -0.23
CA HIS A 286 -2.58 8.53 -0.08
C HIS A 286 -3.78 8.65 -1.03
N ALA A 287 -3.62 8.19 -2.27
CA ALA A 287 -4.76 8.20 -3.21
C ALA A 287 -5.91 7.36 -2.68
N LEU A 288 -5.62 6.20 -2.09
CA LEU A 288 -6.72 5.35 -1.61
C LEU A 288 -7.34 5.94 -0.35
N SER A 289 -6.51 6.50 0.52
CA SER A 289 -7.00 7.13 1.73
C SER A 289 -7.88 8.33 1.42
N ALA A 290 -7.53 9.09 0.39
CA ALA A 290 -8.35 10.25 0.03
C ALA A 290 -9.72 9.82 -0.49
N ALA A 291 -9.78 8.68 -1.20
CA ALA A 291 -11.07 8.17 -1.64
C ALA A 291 -11.94 7.81 -0.44
N GLN A 292 -11.34 7.09 0.52
CA GLN A 292 -12.03 6.74 1.74
C GLN A 292 -12.54 7.97 2.48
N ALA A 293 -11.70 9.02 2.56
CA ALA A 293 -12.06 10.22 3.28
C ALA A 293 -13.24 10.93 2.62
N PHE A 294 -13.21 11.06 1.28
CA PHE A 294 -14.35 11.66 0.59
C PHE A 294 -15.65 10.88 0.86
N GLU A 295 -15.59 9.55 0.80
CA GLU A 295 -16.80 8.77 0.99
C GLU A 295 -17.30 8.84 2.42
N LEU A 296 -16.38 8.86 3.40
CA LEU A 296 -16.80 9.00 4.79
C LEU A 296 -17.44 10.36 5.06
N GLU A 297 -16.92 11.42 4.45
CA GLU A 297 -17.52 12.75 4.64
C GLU A 297 -18.89 12.84 3.98
N GLY A 298 -19.04 12.21 2.81
CA GLY A 298 -20.35 12.14 2.18
C GLY A 298 -21.35 11.34 3.01
N LEU A 299 -20.90 10.21 3.57
CA LEU A 299 -21.73 9.47 4.51
C LEU A 299 -22.12 10.33 5.70
N ARG A 300 -21.19 11.16 6.20
CA ARG A 300 -21.50 12.07 7.29
C ARG A 300 -22.60 13.07 6.88
N ALA A 301 -22.46 13.66 5.69
CA ALA A 301 -23.50 14.55 5.19
C ALA A 301 -24.83 13.83 5.08
N SER A 302 -24.83 12.57 4.64
CA SER A 302 -26.08 11.85 4.49
C SER A 302 -26.68 11.49 5.85
N PHE A 303 -25.84 11.11 6.83
CA PHE A 303 -26.37 10.89 8.17
C PHE A 303 -26.99 12.16 8.73
N ALA A 304 -26.42 13.31 8.42
CA ALA A 304 -26.99 14.56 8.91
C ALA A 304 -28.35 14.81 8.26
N GLU A 305 -28.50 14.46 6.98
CA GLU A 305 -29.81 14.58 6.36
C GLU A 305 -30.80 13.59 6.98
N LEU A 306 -30.36 12.37 7.24
CA LEU A 306 -31.23 11.37 7.86
C LEU A 306 -31.70 11.82 9.23
N ASP A 307 -30.80 12.41 10.02
CA ASP A 307 -31.20 12.95 11.32
C ASP A 307 -32.20 14.08 11.16
N SER A 308 -32.00 14.93 10.15
CA SER A 308 -32.92 16.01 9.87
C SER A 308 -34.30 15.48 9.51
N ARG A 309 -34.36 14.34 8.83
CA ARG A 309 -35.65 13.80 8.46
C ARG A 309 -36.41 13.30 9.68
N PHE A 310 -35.71 12.64 10.60
CA PHE A 310 -36.34 12.22 11.86
C PHE A 310 -36.73 13.41 12.70
N ARG A 311 -35.94 14.48 12.67
CA ARG A 311 -36.37 15.72 13.31
C ARG A 311 -37.69 16.20 12.71
N GLN A 312 -37.76 16.27 11.38
CA GLN A 312 -38.98 16.73 10.72
C GLN A 312 -40.17 15.81 11.02
N LEU A 313 -39.98 14.49 10.97
CA LEU A 313 -41.09 13.59 11.24
C LEU A 313 -41.63 13.75 12.66
N SER A 314 -40.74 13.98 13.62
CA SER A 314 -41.21 14.13 14.99
C SER A 314 -42.00 15.43 15.16
N GLU A 315 -41.66 16.46 14.38
CA GLU A 315 -42.47 17.68 14.41
C GLU A 315 -43.84 17.45 13.78
N ILE A 316 -43.88 16.77 12.63
CA ILE A 316 -45.15 16.48 11.98
C ILE A 316 -46.03 15.63 12.89
N LEU A 317 -45.46 14.53 13.44
CA LEU A 317 -46.24 13.61 14.25
C LEU A 317 -46.73 14.24 15.54
N ASP A 318 -45.88 15.07 16.20
CA ASP A 318 -46.33 15.76 17.41
C ASP A 318 -47.54 16.66 17.13
N THR A 319 -47.48 17.44 16.04
CA THR A 319 -48.63 18.25 15.65
C THR A 319 -49.86 17.39 15.37
N VAL A 320 -49.66 16.29 14.63
CA VAL A 320 -50.75 15.36 14.30
C VAL A 320 -51.34 14.75 15.57
N ILE A 321 -50.47 14.21 16.44
CA ILE A 321 -50.91 13.56 17.66
C ILE A 321 -51.69 14.51 18.54
N SER A 322 -51.18 15.74 18.67
CA SER A 322 -51.83 16.73 19.51
C SER A 322 -53.24 17.04 19.03
N SER A 323 -53.47 16.89 17.73
CA SER A 323 -54.82 17.10 17.21
C SER A 323 -55.74 15.94 17.55
N ILE A 324 -55.27 14.70 17.39
CA ILE A 324 -56.11 13.56 17.70
C ILE A 324 -56.21 13.36 19.21
N ALA A 325 -55.15 13.70 19.95
CA ALA A 325 -55.23 13.47 21.39
C ALA A 325 -56.30 14.33 22.04
N LYS A 326 -56.66 15.47 21.42
CA LYS A 326 -57.77 16.28 21.95
C LYS A 326 -59.09 15.56 21.76
N ILE A 327 -59.20 14.71 20.74
CA ILE A 327 -60.41 13.91 20.54
C ILE A 327 -60.35 12.64 21.38
N ASP A 328 -59.20 11.95 21.36
CA ASP A 328 -58.99 10.65 22.04
C ASP A 328 -58.08 10.87 23.25
N GLU A 329 -58.70 11.05 24.42
CA GLU A 329 -57.99 11.41 25.65
C GLU A 329 -57.13 10.28 26.20
N ARG A 330 -57.22 9.07 25.63
CA ARG A 330 -56.35 7.96 26.03
C ARG A 330 -55.09 7.83 25.17
N LEU A 331 -55.03 8.52 24.02
CA LEU A 331 -53.97 8.26 23.05
C LEU A 331 -52.59 8.52 23.63
N ILE A 332 -52.40 9.69 24.26
CA ILE A 332 -51.09 10.00 24.83
C ILE A 332 -50.68 8.92 25.83
N GLY A 333 -51.65 8.38 26.57
CA GLY A 333 -51.36 7.29 27.47
C GLY A 333 -50.83 6.06 26.75
N ARG A 334 -51.47 5.69 25.64
CA ARG A 334 -51.02 4.53 24.89
C ARG A 334 -49.62 4.75 24.32
N LEU A 335 -49.29 5.98 23.95
CA LEU A 335 -48.00 6.27 23.35
C LEU A 335 -46.85 6.22 24.37
N ILE A 336 -47.14 6.44 25.64
CA ILE A 336 -46.08 6.41 26.65
C ILE A 336 -46.17 5.17 27.53
N LYS A 337 -46.95 4.17 27.10
CA LYS A 337 -47.34 3.01 27.91
C LYS A 337 -47.64 3.43 29.35
N ALA A 338 -48.76 4.10 29.54
CA ALA A 338 -49.19 4.56 30.86
C ALA A 338 -50.71 4.52 30.90
N PRO A 339 -51.30 4.33 32.11
CA PRO A 339 -52.77 4.30 32.23
C PRO A 339 -53.34 5.70 32.50
N VAL A 340 -53.04 6.63 31.61
CA VAL A 340 -53.35 8.03 31.86
C VAL A 340 -54.36 8.52 30.84
N SER A 341 -55.10 9.55 31.25
CA SER A 341 -56.00 10.32 30.40
C SER A 341 -55.44 11.73 30.30
N SER A 342 -55.77 12.41 29.20
CA SER A 342 -55.18 13.71 28.93
C SER A 342 -56.24 14.79 28.85
N ARG A 343 -55.86 16.00 29.26
CA ARG A 343 -56.69 17.18 29.06
C ARG A 343 -55.80 18.34 28.62
N PHE A 344 -56.07 18.88 27.45
CA PHE A 344 -55.28 19.99 26.95
C PHE A 344 -55.75 21.31 27.55
N ILE A 345 -54.79 22.09 28.03
CA ILE A 345 -55.05 23.44 28.52
C ILE A 345 -54.65 24.49 27.50
N SER A 346 -53.87 24.12 26.49
CA SER A 346 -53.55 24.96 25.35
C SER A 346 -53.38 24.05 24.14
N GLU A 347 -52.87 24.61 23.04
CA GLU A 347 -52.76 23.83 21.82
C GLU A 347 -51.74 22.70 21.99
N ASP A 348 -50.66 22.96 22.71
CA ASP A 348 -49.57 21.99 22.92
C ASP A 348 -49.52 21.38 24.32
N LYS A 349 -49.94 22.12 25.36
CA LYS A 349 -49.76 21.69 26.73
C LYS A 349 -50.99 20.94 27.22
N PHE A 350 -50.76 19.85 27.94
CA PHE A 350 -51.83 18.98 28.42
C PHE A 350 -51.53 18.52 29.82
N LEU A 351 -52.57 18.08 30.52
CA LEU A 351 -52.49 17.49 31.85
C LEU A 351 -52.79 16.01 31.77
N LEU A 352 -52.24 15.24 32.69
CA LEU A 352 -52.45 13.80 32.73
C LEU A 352 -53.20 13.42 34.03
N HIS A 353 -54.34 12.77 33.88
CA HIS A 353 -55.09 12.19 34.99
C HIS A 353 -54.75 10.71 35.09
N GLN A 354 -54.42 10.25 36.31
CA GLN A 354 -53.99 8.87 36.49
C GLN A 354 -55.19 7.94 36.58
N CYS A 355 -54.99 6.70 36.11
CA CYS A 355 -56.00 5.66 36.21
C CYS A 355 -55.36 4.29 36.45
N GLU A 391 -56.91 -15.77 16.32
CA GLU A 391 -55.65 -15.05 16.23
C GLU A 391 -55.66 -14.06 15.06
N PRO A 392 -55.57 -12.77 15.37
CA PRO A 392 -55.76 -11.74 14.34
C PRO A 392 -54.77 -11.87 13.19
N ILE A 393 -55.24 -11.51 12.00
CA ILE A 393 -54.40 -11.51 10.81
C ILE A 393 -53.62 -10.20 10.78
N GLY A 394 -52.29 -10.32 10.68
CA GLY A 394 -51.45 -9.14 10.57
C GLY A 394 -51.62 -8.47 9.21
N ILE A 395 -51.74 -7.14 9.24
CA ILE A 395 -51.63 -6.33 8.04
C ILE A 395 -50.37 -5.47 8.16
N ASP A 396 -49.59 -5.45 7.08
CA ASP A 396 -48.31 -4.72 7.02
C ASP A 396 -48.52 -3.57 6.06
N ILE A 397 -48.51 -2.35 6.60
CA ILE A 397 -48.62 -1.16 5.75
C ILE A 397 -47.27 -0.56 5.44
N TYR A 398 -46.19 -1.07 6.05
CA TYR A 398 -44.85 -0.50 5.90
C TYR A 398 -44.08 -1.16 4.75
N ASN A 399 -44.09 -2.48 4.68
CA ASN A 399 -43.45 -3.20 3.59
C ASN A 399 -41.95 -2.90 3.51
N PHE A 400 -41.31 -2.76 4.68
CA PHE A 400 -39.89 -2.48 4.69
C PHE A 400 -39.09 -3.74 4.32
N SER A 401 -37.99 -3.55 3.60
CA SER A 401 -37.04 -4.63 3.31
C SER A 401 -35.90 -4.60 4.31
N ALA A 402 -35.28 -5.76 4.51
CA ALA A 402 -34.16 -5.84 5.45
C ALA A 402 -33.04 -4.90 5.01
N LEU A 403 -32.46 -4.20 5.98
CA LEU A 403 -31.27 -3.41 5.67
C LEU A 403 -30.06 -4.31 5.56
N TRP A 404 -29.21 -4.02 4.58
CA TRP A 404 -27.89 -4.62 4.59
C TRP A 404 -27.02 -3.81 5.55
N TYR A 405 -26.35 -4.51 6.46
CA TYR A 405 -25.45 -3.94 7.47
C TYR A 405 -24.01 -4.13 7.05
N PRO A 406 -23.15 -3.10 7.14
CA PRO A 406 -21.73 -3.33 6.86
C PRO A 406 -21.05 -3.98 8.07
N SER A 407 -19.79 -4.35 7.85
CA SER A 407 -18.99 -5.00 8.87
C SER A 407 -17.52 -4.91 8.47
N ALA A 408 -16.65 -4.85 9.49
CA ALA A 408 -15.21 -4.83 9.27
C ALA A 408 -14.83 -5.88 8.23
N ALA A 409 -14.09 -5.45 7.22
CA ALA A 409 -13.68 -6.27 6.08
C ALA A 409 -12.17 -6.51 6.21
N GLU A 410 -11.79 -7.52 6.98
CA GLU A 410 -10.39 -7.73 7.35
C GLU A 410 -9.71 -8.55 6.26
N VAL A 411 -9.14 -7.84 5.29
CA VAL A 411 -8.47 -8.46 4.14
C VAL A 411 -7.05 -8.85 4.53
N ASP A 412 -6.60 -10.01 4.05
CA ASP A 412 -5.22 -10.47 4.29
C ASP A 412 -4.28 -9.93 3.21
N PHE A 413 -3.17 -9.34 3.63
CA PHE A 413 -2.17 -8.86 2.67
C PHE A 413 -0.99 -9.82 2.57
N ARG A 414 -0.44 -9.93 1.36
CA ARG A 414 0.57 -10.94 1.07
C ARG A 414 1.99 -10.38 0.85
N GLY A 415 2.14 -9.11 0.51
CA GLY A 415 3.45 -8.55 0.22
C GLY A 415 3.92 -8.87 -1.19
N THR A 416 4.95 -8.15 -1.65
CA THR A 416 5.52 -8.47 -2.94
C THR A 416 6.22 -9.84 -2.90
N VAL A 417 6.21 -10.50 -4.04
CA VAL A 417 6.95 -11.75 -4.17
C VAL A 417 8.41 -11.56 -3.74
N GLN A 418 9.02 -10.43 -4.13
CA GLN A 418 10.46 -10.24 -3.89
C GLN A 418 10.78 -10.17 -2.41
N SER A 419 9.80 -9.83 -1.58
CA SER A 419 9.98 -9.75 -0.14
C SER A 419 9.99 -11.12 0.52
N GLU A 420 9.53 -12.15 -0.16
CA GLU A 420 9.45 -13.46 0.48
C GLU A 420 10.86 -14.01 0.69
N ASP A 421 11.08 -14.69 1.82
CA ASP A 421 12.38 -15.26 2.15
C ASP A 421 12.91 -16.17 1.06
N GLY A 422 12.05 -17.01 0.49
CA GLY A 422 12.47 -17.91 -0.56
C GLY A 422 13.16 -17.21 -1.71
N TRP A 423 12.60 -16.09 -2.17
CA TRP A 423 13.14 -15.44 -3.34
C TRP A 423 14.25 -14.47 -3.01
N SER A 424 14.20 -13.82 -1.84
CA SER A 424 15.30 -12.96 -1.45
C SER A 424 16.55 -13.78 -1.09
N PHE A 425 16.39 -15.10 -0.87
CA PHE A 425 17.56 -15.98 -0.71
C PHE A 425 18.44 -15.91 -1.95
N VAL A 426 17.82 -15.81 -3.13
CA VAL A 426 18.58 -15.69 -4.37
C VAL A 426 19.36 -14.39 -4.39
N VAL A 427 18.73 -13.29 -3.98
CA VAL A 427 19.40 -12.00 -3.99
C VAL A 427 20.52 -11.99 -2.97
N LYS A 428 20.30 -12.57 -1.79
CA LYS A 428 21.34 -12.60 -0.76
C LYS A 428 22.57 -13.42 -1.20
N SER A 429 22.34 -14.52 -1.94
CA SER A 429 23.47 -15.30 -2.45
C SER A 429 24.27 -14.47 -3.45
N LYS A 430 23.58 -13.71 -4.31
CA LYS A 430 24.26 -12.81 -5.25
C LYS A 430 25.06 -11.74 -4.49
N ASP A 431 24.44 -11.09 -3.49
CA ASP A 431 25.19 -10.07 -2.74
C ASP A 431 26.37 -10.69 -2.00
N ALA A 432 26.19 -11.90 -1.45
CA ALA A 432 27.32 -12.52 -0.74
C ALA A 432 28.47 -12.86 -1.71
N LEU A 433 28.16 -13.28 -2.94
CA LEU A 433 29.24 -13.60 -3.87
C LEU A 433 30.04 -12.35 -4.25
N ILE A 434 29.35 -11.21 -4.42
CA ILE A 434 30.02 -9.95 -4.72
C ILE A 434 31.00 -9.59 -3.61
N GLN A 435 30.59 -9.77 -2.35
CA GLN A 435 31.49 -9.42 -1.24
C GLN A 435 32.72 -10.33 -1.21
N THR A 436 32.53 -11.64 -1.38
CA THR A 436 33.69 -12.53 -1.27
C THR A 436 34.61 -12.41 -2.49
N MET A 437 34.07 -12.03 -3.64
CA MET A 437 34.85 -11.87 -4.86
C MET A 437 35.49 -10.50 -4.97
N MET A 438 35.21 -9.60 -4.01
CA MET A 438 35.63 -8.20 -4.15
C MET A 438 37.14 -8.08 -4.37
N TYR A 439 37.93 -8.93 -3.74
CA TYR A 439 39.36 -8.90 -4.03
C TYR A 439 39.96 -10.26 -3.72
N THR A 440 41.11 -10.49 -4.33
CA THR A 440 41.81 -11.76 -4.16
C THR A 440 42.51 -11.84 -2.81
N LYS A 441 42.45 -13.02 -2.18
CA LYS A 441 43.09 -13.25 -0.88
C LYS A 441 44.40 -14.01 -1.13
N ASN A 442 45.41 -13.29 -1.58
CA ASN A 442 46.68 -13.90 -2.02
C ASN A 442 47.78 -13.83 -0.98
N GLY A 443 47.48 -13.33 0.21
CA GLY A 443 48.48 -13.26 1.27
C GLY A 443 48.74 -14.60 1.95
N ASP B 1 -61.84 4.90 36.30
CA ASP B 1 -61.29 5.08 34.97
C ASP B 1 -62.00 6.23 34.24
N CYS B 2 -61.55 7.45 34.52
CA CYS B 2 -60.44 7.68 35.42
C CYS B 2 -60.85 8.51 36.63
N ASN B 3 -59.99 8.51 37.65
CA ASN B 3 -60.17 9.36 38.82
C ASN B 3 -59.51 10.69 38.49
N THR B 4 -60.31 11.67 38.05
CA THR B 4 -59.78 12.95 37.60
C THR B 4 -59.05 13.68 38.72
N LYS B 5 -59.79 14.03 39.77
CA LYS B 5 -59.40 14.86 40.91
C LYS B 5 -58.02 15.52 40.85
N THR B 6 -56.94 14.73 40.81
CA THR B 6 -55.60 15.32 40.99
C THR B 6 -54.64 14.93 39.86
N ALA B 7 -53.51 15.63 39.87
CA ALA B 7 -52.37 15.49 38.94
C ALA B 7 -52.79 15.68 37.45
N THR B 8 -51.83 15.83 36.53
CA THR B 8 -50.44 16.23 36.77
C THR B 8 -50.01 17.06 35.57
N GLY B 9 -48.90 17.77 35.69
CA GLY B 9 -48.43 18.59 34.59
C GLY B 9 -48.49 20.08 34.87
N PRO B 10 -48.49 20.90 33.81
CA PRO B 10 -48.67 20.54 32.39
C PRO B 10 -47.47 19.86 31.70
N TYR B 11 -47.78 19.00 30.74
CA TYR B 11 -46.79 18.31 29.92
C TYR B 11 -46.84 18.81 28.48
N ILE B 12 -45.78 18.50 27.74
CA ILE B 12 -45.71 18.76 26.31
C ILE B 12 -44.98 17.62 25.64
N LEU B 13 -45.31 17.36 24.36
CA LEU B 13 -44.61 16.35 23.58
C LEU B 13 -43.28 16.90 23.09
N ASP B 14 -42.20 16.22 23.46
CA ASP B 14 -40.87 16.60 22.98
C ASP B 14 -40.76 16.39 21.48
N ARG B 15 -40.09 17.31 20.81
CA ARG B 15 -39.65 17.08 19.45
C ARG B 15 -38.23 16.54 19.47
N TYR B 16 -37.89 15.70 18.49
CA TYR B 16 -36.51 15.23 18.38
C TYR B 16 -35.64 16.32 17.79
N LYS B 17 -34.54 16.64 18.48
CA LYS B 17 -33.66 17.75 18.10
C LYS B 17 -32.22 17.24 18.06
N PRO B 18 -31.76 16.77 16.90
CA PRO B 18 -30.39 16.27 16.81
C PRO B 18 -29.37 17.39 16.88
N LYS B 19 -28.20 17.06 17.45
CA LYS B 19 -27.09 18.00 17.41
C LYS B 19 -26.75 18.29 15.95
N PRO B 20 -26.57 19.56 15.58
CA PRO B 20 -26.32 19.87 14.16
C PRO B 20 -24.92 19.48 13.74
N VAL B 21 -24.84 18.90 12.55
CA VAL B 21 -23.58 18.51 11.91
C VAL B 21 -23.47 19.30 10.61
N THR B 22 -22.35 20.00 10.42
CA THR B 22 -22.27 21.12 9.50
C THR B 22 -21.48 20.85 8.22
N VAL B 23 -21.17 19.60 7.90
CA VAL B 23 -20.52 19.32 6.61
C VAL B 23 -21.58 19.42 5.52
N SER B 24 -21.27 20.17 4.45
CA SER B 24 -22.21 20.41 3.37
C SER B 24 -21.57 20.10 2.02
N LYS B 25 -22.44 19.81 1.05
CA LYS B 25 -22.02 19.44 -0.30
C LYS B 25 -21.97 20.67 -1.19
N LYS B 26 -20.85 20.84 -1.92
CA LYS B 26 -20.64 21.96 -2.81
C LYS B 26 -20.39 21.48 -4.24
N LEU B 27 -20.72 22.34 -5.20
CA LEU B 27 -20.25 22.22 -6.57
C LEU B 27 -19.36 23.43 -6.80
N TYR B 28 -18.04 23.20 -6.78
CA TYR B 28 -17.07 24.26 -6.96
C TYR B 28 -16.72 24.41 -8.44
N SER B 29 -16.66 25.64 -8.90
CA SER B 29 -16.15 25.92 -10.22
C SER B 29 -14.63 26.00 -10.18
N ALA B 30 -13.99 25.41 -11.17
CA ALA B 30 -12.54 25.44 -11.24
C ALA B 30 -12.10 25.29 -12.69
N THR B 31 -10.91 25.82 -12.96
CA THR B 31 -10.20 25.54 -14.19
C THR B 31 -9.35 24.29 -13.95
N ARG B 32 -9.58 23.26 -14.76
CA ARG B 32 -8.87 22.00 -14.66
C ARG B 32 -7.92 21.86 -15.83
N TYR B 33 -6.69 21.45 -15.54
CA TYR B 33 -5.68 21.16 -16.56
C TYR B 33 -5.32 19.69 -16.47
N THR B 34 -5.54 18.95 -17.57
CA THR B 34 -5.18 17.55 -17.68
C THR B 34 -4.38 17.33 -18.95
N THR B 35 -3.96 16.08 -19.17
CA THR B 35 -3.10 15.73 -20.29
C THR B 35 -3.78 14.69 -21.18
N SER B 36 -3.37 14.70 -22.46
CA SER B 36 -3.87 13.73 -23.42
C SER B 36 -3.53 12.30 -23.01
N ALA B 37 -2.30 12.06 -22.55
CA ALA B 37 -1.84 10.74 -22.16
C ALA B 37 -1.37 10.76 -20.71
N GLN B 38 -1.17 9.56 -20.15
CA GLN B 38 -0.76 9.40 -18.76
C GLN B 38 0.69 8.93 -18.60
N ASN B 39 1.52 9.03 -19.65
CA ASN B 39 2.92 8.63 -19.58
C ASN B 39 3.79 9.60 -20.37
N GLU B 40 4.96 9.91 -19.81
CA GLU B 40 6.09 10.45 -20.57
C GLU B 40 6.86 9.31 -21.20
N LEU B 41 7.72 9.65 -22.16
CA LEU B 41 8.59 8.67 -22.79
C LEU B 41 10.00 8.88 -22.27
N LEU B 42 10.52 7.91 -21.55
CA LEU B 42 11.89 7.97 -21.05
C LEU B 42 12.76 7.15 -21.99
N THR B 43 13.69 7.81 -22.66
CA THR B 43 14.75 7.14 -23.39
C THR B 43 16.02 7.25 -22.58
N ALA B 44 16.61 6.12 -22.24
CA ALA B 44 17.84 6.09 -21.46
C ALA B 44 18.86 5.18 -22.13
N GLY B 45 20.07 5.69 -22.30
CA GLY B 45 21.12 4.93 -22.94
C GLY B 45 22.43 5.06 -22.19
N TYR B 46 23.24 3.98 -22.27
CA TYR B 46 24.54 3.94 -21.64
C TYR B 46 25.57 3.39 -22.62
N ARG B 47 26.81 3.78 -22.42
CA ARG B 47 27.93 3.29 -23.21
C ARG B 47 29.21 3.51 -22.43
N THR B 48 30.01 2.45 -22.33
CA THR B 48 31.28 2.51 -21.60
C THR B 48 32.29 1.64 -22.33
N ALA B 49 33.57 2.04 -22.26
CA ALA B 49 34.67 1.25 -22.77
C ALA B 49 35.52 0.74 -21.61
N TRP B 50 35.97 -0.51 -21.72
CA TRP B 50 37.09 -1.03 -20.91
C TRP B 50 38.35 -0.89 -21.76
N VAL B 51 39.33 -0.14 -21.26
CA VAL B 51 40.60 0.07 -21.95
C VAL B 51 41.74 -0.34 -21.03
N ALA B 52 42.49 -1.37 -21.42
CA ALA B 52 43.66 -1.83 -20.68
C ALA B 52 44.90 -1.73 -21.57
N TYR B 53 45.77 -0.79 -21.25
CA TYR B 53 47.04 -0.59 -21.95
C TYR B 53 48.17 -1.02 -21.01
N CYS B 54 48.87 -2.08 -21.38
CA CYS B 54 49.86 -2.67 -20.48
C CYS B 54 51.21 -2.65 -21.15
N TYR B 55 52.27 -2.75 -20.33
CA TYR B 55 53.61 -3.00 -20.82
C TYR B 55 54.25 -4.09 -19.98
N ASN B 56 54.87 -5.05 -20.64
CA ASN B 56 55.56 -6.15 -19.99
C ASN B 56 57.07 -5.98 -20.20
N GLY B 57 57.75 -5.45 -19.18
CA GLY B 57 59.22 -5.37 -19.24
C GLY B 57 59.89 -6.24 -18.20
N GLY B 58 59.17 -7.23 -17.67
CA GLY B 58 59.64 -8.05 -16.56
C GLY B 58 59.50 -7.29 -15.25
N LEU B 59 59.52 -7.96 -14.10
CA LEU B 59 59.26 -7.26 -12.84
C LEU B 59 60.40 -6.33 -12.43
N VAL B 60 61.61 -6.51 -12.97
CA VAL B 60 62.70 -5.61 -12.62
C VAL B 60 62.43 -4.21 -13.14
N ASP B 61 61.69 -4.10 -14.25
CA ASP B 61 61.40 -2.81 -14.87
C ASP B 61 60.17 -2.16 -14.20
N SER B 62 60.35 -0.93 -13.69
CA SER B 62 59.31 -0.23 -12.95
C SER B 62 58.16 0.27 -13.83
N ASN B 63 58.30 0.25 -15.14
CA ASN B 63 57.17 0.54 -16.01
C ASN B 63 56.37 -0.71 -16.38
N THR B 64 56.70 -1.88 -15.83
CA THR B 64 55.86 -3.04 -16.10
C THR B 64 54.55 -2.87 -15.32
N GLY B 65 53.44 -3.07 -15.98
CA GLY B 65 52.16 -2.85 -15.33
C GLY B 65 51.10 -2.47 -16.34
N CYS B 66 49.93 -2.07 -15.83
CA CYS B 66 48.79 -1.76 -16.68
C CYS B 66 48.12 -0.47 -16.25
N ASN B 67 47.62 0.26 -17.26
CA ASN B 67 46.65 1.34 -17.08
C ASN B 67 45.34 0.80 -17.64
N ALA B 68 44.53 0.20 -16.75
CA ALA B 68 43.32 -0.53 -17.11
C ALA B 68 42.15 0.09 -16.37
N ARG B 69 41.14 0.56 -17.10
CA ARG B 69 40.09 1.34 -16.48
C ARG B 69 38.89 1.39 -17.41
N LEU B 70 37.75 1.74 -16.82
CA LEU B 70 36.53 2.00 -17.58
C LEU B 70 36.49 3.47 -17.96
N LEU B 71 36.03 3.73 -19.18
CA LEU B 71 35.88 5.09 -19.68
C LEU B 71 34.45 5.27 -20.19
N HIS B 72 33.74 6.25 -19.64
CA HIS B 72 32.34 6.44 -20.00
C HIS B 72 32.20 7.30 -21.25
N TYR B 73 31.34 6.88 -22.17
CA TYR B 73 31.01 7.65 -23.38
C TYR B 73 29.50 7.76 -23.51
N PRO B 74 28.83 8.43 -22.58
CA PRO B 74 27.38 8.52 -22.64
C PRO B 74 26.94 9.12 -23.96
N PRO B 75 25.84 8.64 -24.54
CA PRO B 75 25.41 9.17 -25.85
C PRO B 75 25.00 10.63 -25.75
N SER B 76 25.31 11.37 -26.81
CA SER B 76 24.80 12.72 -26.99
C SER B 76 23.28 12.68 -27.20
N ARG B 77 22.65 13.85 -27.11
CA ARG B 77 21.21 13.90 -27.34
C ARG B 77 20.84 13.37 -28.72
N ASP B 78 21.58 13.81 -29.75
CA ASP B 78 21.34 13.32 -31.10
C ASP B 78 21.53 11.81 -31.21
N GLU B 79 22.60 11.29 -30.59
CA GLU B 79 22.80 9.85 -30.55
C GLU B 79 21.63 9.17 -29.87
N LEU B 80 21.24 9.66 -28.69
CA LEU B 80 20.17 9.05 -27.93
C LEU B 80 18.89 8.96 -28.74
N LEU B 81 18.54 10.06 -29.43
CA LEU B 81 17.39 10.06 -30.31
C LEU B 81 17.47 8.95 -31.35
N LEU B 82 18.64 8.79 -31.98
CA LEU B 82 18.79 7.72 -32.97
C LEU B 82 18.72 6.35 -32.32
N TRP B 83 19.31 6.21 -31.12
CA TRP B 83 19.24 4.94 -30.41
C TRP B 83 17.81 4.57 -30.10
N GLY B 84 17.03 5.52 -29.60
CA GLY B 84 15.65 5.23 -29.24
C GLY B 84 14.81 4.78 -30.41
N SER B 85 14.92 5.48 -31.54
CA SER B 85 14.12 5.10 -32.71
C SER B 85 14.60 3.78 -33.31
N SER B 86 15.91 3.60 -33.45
CA SER B 86 16.43 2.36 -34.02
C SER B 86 16.35 1.19 -33.05
N HIS B 87 16.25 1.46 -31.74
CA HIS B 87 16.32 0.43 -30.71
C HIS B 87 17.64 -0.31 -30.80
N GLN B 88 18.72 0.44 -31.01
CA GLN B 88 20.07 -0.10 -31.06
C GLN B 88 21.03 0.92 -30.45
N CYS B 89 22.19 0.42 -30.02
CA CYS B 89 23.24 1.29 -29.48
C CYS B 89 24.50 1.13 -30.32
N SER B 90 25.38 2.11 -30.22
CA SER B 90 26.65 2.08 -30.94
C SER B 90 27.82 1.95 -29.97
N TYR B 91 28.96 1.53 -30.51
CA TYR B 91 30.16 1.37 -29.70
C TYR B 91 31.38 1.40 -30.63
N GLY B 92 32.57 1.48 -30.01
CA GLY B 92 33.80 1.65 -30.75
C GLY B 92 34.43 0.33 -31.17
N ASP B 93 35.62 0.44 -31.76
CA ASP B 93 36.38 -0.75 -32.12
C ASP B 93 36.86 -1.49 -30.88
N ILE B 94 36.90 -2.82 -30.98
CA ILE B 94 37.38 -3.65 -29.89
C ILE B 94 38.75 -4.19 -30.25
N CYS B 95 39.56 -4.42 -29.22
CA CYS B 95 40.94 -4.88 -29.38
C CYS B 95 41.14 -6.04 -28.43
N HIS B 96 41.46 -7.20 -28.98
CA HIS B 96 41.79 -8.37 -28.19
C HIS B 96 43.30 -8.59 -28.27
N ASP B 97 44.00 -8.36 -27.15
CA ASP B 97 45.42 -8.70 -27.02
C ASP B 97 46.22 -8.12 -28.19
N CYS B 98 45.97 -6.86 -28.51
CA CYS B 98 46.68 -6.16 -29.57
C CYS B 98 48.02 -5.66 -29.01
N TRP B 99 49.10 -6.29 -29.44
CA TRP B 99 50.43 -5.99 -28.90
C TRP B 99 51.30 -5.34 -29.95
N GLY B 100 52.42 -4.79 -29.49
CA GLY B 100 53.34 -4.12 -30.40
C GLY B 100 52.68 -2.90 -31.01
N SER B 101 52.93 -2.69 -32.31
CA SER B 101 52.42 -1.49 -32.95
C SER B 101 50.89 -1.42 -32.92
N ASP B 102 50.20 -2.56 -32.85
CA ASP B 102 48.74 -2.54 -32.75
C ASP B 102 48.24 -1.96 -31.42
N SER B 103 49.08 -1.94 -30.38
CA SER B 103 48.67 -1.32 -29.11
C SER B 103 48.41 0.16 -29.26
N TYR B 104 48.76 0.74 -30.41
CA TYR B 104 48.48 2.15 -30.72
C TYR B 104 47.00 2.49 -30.56
N ALA B 105 46.11 1.51 -30.75
CA ALA B 105 44.67 1.79 -30.68
C ALA B 105 44.22 2.23 -29.30
N CYS B 106 44.96 1.87 -28.25
CA CYS B 106 44.66 2.29 -26.89
C CYS B 106 45.02 3.72 -26.59
N LEU B 107 45.64 4.43 -27.53
CA LEU B 107 46.09 5.80 -27.29
C LEU B 107 45.18 6.76 -28.06
N GLY B 108 45.19 8.02 -27.64
CA GLY B 108 44.38 9.01 -28.34
C GLY B 108 42.88 8.78 -28.29
N GLN B 109 42.13 9.68 -28.92
CA GLN B 109 40.68 9.69 -28.77
C GLN B 109 40.05 8.46 -29.42
N LEU B 110 39.15 7.81 -28.70
CA LEU B 110 38.39 6.67 -29.23
C LEU B 110 37.09 7.17 -29.84
N ASP B 111 36.74 6.61 -31.00
CA ASP B 111 35.46 6.89 -31.64
C ASP B 111 34.44 5.91 -31.10
N PRO B 112 33.43 6.34 -30.35
CA PRO B 112 32.52 5.41 -29.69
C PRO B 112 31.32 5.01 -30.54
N ALA B 113 31.25 5.40 -31.81
CA ALA B 113 30.08 5.14 -32.65
C ALA B 113 30.51 4.56 -34.00
N LYS B 114 31.05 3.32 -33.98
CA LYS B 114 31.47 2.63 -35.20
C LYS B 114 30.69 1.35 -35.48
N HIS B 115 30.21 0.66 -34.45
CA HIS B 115 29.44 -0.56 -34.61
C HIS B 115 28.06 -0.36 -33.99
N TRP B 116 27.12 -1.26 -34.35
CA TRP B 116 25.75 -1.20 -33.87
C TRP B 116 25.27 -2.59 -33.49
N ALA B 117 24.42 -2.62 -32.47
CA ALA B 117 23.83 -3.85 -31.96
C ALA B 117 22.62 -3.47 -31.11
N PRO B 118 21.68 -4.40 -30.90
CA PRO B 118 20.59 -4.09 -29.96
C PRO B 118 21.09 -3.85 -28.56
N ARG B 119 22.16 -4.55 -28.16
CA ARG B 119 22.80 -4.45 -26.86
C ARG B 119 24.20 -5.03 -26.99
N LYS B 120 25.08 -4.63 -26.08
CA LYS B 120 26.45 -5.10 -26.10
C LYS B 120 27.00 -5.10 -24.68
N GLU B 121 27.60 -6.22 -24.28
CA GLU B 121 28.30 -6.31 -23.00
C GLU B 121 29.79 -6.48 -23.24
N LEU B 122 30.59 -5.90 -22.36
CA LEU B 122 32.04 -5.92 -22.53
C LEU B 122 32.62 -7.13 -21.80
N VAL B 123 33.83 -7.50 -22.18
CA VAL B 123 34.63 -8.51 -21.50
C VAL B 123 35.77 -7.77 -20.82
N ARG B 124 36.04 -8.08 -19.56
CA ARG B 124 37.12 -7.41 -18.84
C ARG B 124 38.40 -8.22 -19.03
N ARG B 125 39.37 -7.66 -19.73
CA ARG B 125 40.62 -8.37 -20.01
C ARG B 125 41.79 -7.39 -19.90
N ASP B 126 42.86 -7.81 -19.22
CA ASP B 126 44.07 -6.96 -19.15
C ASP B 126 45.34 -7.80 -19.33
N ALA B 127 45.33 -8.65 -20.35
CA ALA B 127 46.49 -9.50 -20.63
C ALA B 127 47.71 -8.66 -20.96
N ASN B 128 48.89 -9.22 -20.64
CA ASN B 128 50.18 -8.55 -20.77
C ASN B 128 51.26 -9.62 -20.99
N TRP B 129 51.04 -10.54 -21.91
CA TRP B 129 51.87 -11.75 -21.96
C TRP B 129 53.03 -11.64 -22.96
N LYS B 130 53.15 -10.51 -23.66
CA LYS B 130 54.15 -10.32 -24.71
C LYS B 130 55.33 -9.56 -24.10
N PHE B 131 56.35 -10.31 -23.70
CA PHE B 131 57.51 -9.72 -23.07
C PHE B 131 58.17 -8.68 -23.97
N ALA B 132 58.52 -7.55 -23.36
CA ALA B 132 59.18 -6.40 -24.00
C ALA B 132 58.29 -5.72 -25.00
N TYR B 133 56.97 -5.89 -24.89
CA TYR B 133 56.03 -5.18 -25.72
C TYR B 133 54.86 -4.68 -24.89
N HIS B 134 54.13 -3.74 -25.47
CA HIS B 134 52.88 -3.24 -24.93
C HIS B 134 51.72 -4.11 -25.41
N MET B 135 50.66 -4.16 -24.60
CA MET B 135 49.50 -4.92 -25.01
C MET B 135 48.23 -4.13 -24.68
N CYS B 136 47.30 -4.13 -25.61
CA CYS B 136 46.11 -3.28 -25.59
C CYS B 136 44.88 -4.18 -25.62
N ASN B 137 43.96 -3.94 -24.69
CA ASN B 137 42.65 -4.58 -24.76
C ASN B 137 41.60 -3.49 -24.64
N ILE B 138 40.68 -3.46 -25.60
CA ILE B 138 39.53 -2.57 -25.56
C ILE B 138 38.25 -3.38 -25.81
N ASP B 139 37.22 -3.14 -24.99
CA ASP B 139 35.90 -3.68 -25.28
C ASP B 139 34.86 -2.67 -24.81
N TRP B 140 33.63 -2.87 -25.28
CA TRP B 140 32.58 -1.89 -25.10
C TRP B 140 31.34 -2.53 -24.52
N ARG B 141 30.57 -1.72 -23.79
CA ARG B 141 29.19 -2.07 -23.46
C ARG B 141 28.30 -0.90 -23.86
N CYS B 142 27.08 -1.22 -24.25
CA CYS B 142 26.10 -0.17 -24.50
C CYS B 142 24.71 -0.77 -24.43
N GLY B 143 23.72 0.09 -24.23
CA GLY B 143 22.36 -0.38 -24.15
C GLY B 143 21.41 0.81 -24.17
N VAL B 144 20.16 0.52 -24.49
CA VAL B 144 19.16 1.58 -24.62
C VAL B 144 17.80 1.02 -24.22
N THR B 145 17.00 1.86 -23.58
CA THR B 145 15.60 1.55 -23.34
C THR B 145 14.74 2.76 -23.72
N THR B 146 13.53 2.48 -24.18
CA THR B 146 12.50 3.49 -24.36
C THR B 146 11.28 2.98 -23.61
N SER B 147 10.90 3.68 -22.54
CA SER B 147 9.86 3.16 -21.67
C SER B 147 8.93 4.26 -21.24
N PRO B 148 7.65 3.96 -21.07
CA PRO B 148 6.73 4.94 -20.51
C PRO B 148 6.88 5.02 -19.00
N VAL B 149 6.92 6.24 -18.49
CA VAL B 149 6.94 6.49 -17.05
C VAL B 149 5.81 7.45 -16.69
N PHE B 150 5.14 7.21 -15.56
CA PHE B 150 4.08 8.12 -15.16
C PHE B 150 4.68 9.42 -14.65
N PHE B 151 3.82 10.45 -14.51
CA PHE B 151 4.29 11.76 -14.11
C PHE B 151 3.18 12.44 -13.32
N ASN B 152 3.50 13.61 -12.75
CA ASN B 152 2.54 14.49 -12.13
C ASN B 152 2.47 15.79 -12.93
N LEU B 153 1.38 16.53 -12.72
CA LEU B 153 1.35 17.94 -13.09
C LEU B 153 1.55 18.77 -11.83
N GLN B 154 1.97 20.01 -12.01
CA GLN B 154 2.33 20.83 -10.86
C GLN B 154 2.28 22.30 -11.24
N TRP B 155 1.77 23.12 -10.32
CA TRP B 155 1.78 24.57 -10.49
C TRP B 155 3.17 25.10 -10.17
N VAL B 156 3.77 25.80 -11.12
CA VAL B 156 5.04 26.51 -10.90
C VAL B 156 4.85 27.95 -11.33
N LYS B 157 4.87 28.87 -10.36
CA LYS B 157 4.74 30.31 -10.59
C LYS B 157 3.60 30.61 -11.58
N ASN B 158 2.41 30.13 -11.21
CA ASN B 158 1.15 30.42 -11.88
C ASN B 158 1.01 29.76 -13.24
N GLU B 159 1.82 28.75 -13.56
CA GLU B 159 1.60 27.94 -14.76
C GLU B 159 1.73 26.46 -14.43
N VAL B 160 0.99 25.66 -15.20
CA VAL B 160 0.98 24.20 -15.04
C VAL B 160 2.18 23.62 -15.77
N LYS B 161 3.03 22.93 -15.03
CA LYS B 161 4.20 22.28 -15.60
C LYS B 161 4.05 20.77 -15.47
N VAL B 162 4.75 20.06 -16.33
CA VAL B 162 4.87 18.62 -16.15
C VAL B 162 5.94 18.36 -15.10
N SER B 163 5.69 17.41 -14.20
CA SER B 163 6.60 17.12 -13.09
C SER B 163 7.15 15.72 -13.31
N THR B 164 8.40 15.65 -13.78
CA THR B 164 9.06 14.38 -14.04
C THR B 164 9.61 13.83 -12.73
N LEU B 165 9.32 12.56 -12.47
CA LEU B 165 9.60 11.94 -11.19
C LEU B 165 10.90 11.15 -11.28
N LEU B 166 11.88 11.53 -10.48
CA LEU B 166 13.13 10.80 -10.58
C LEU B 166 13.21 9.73 -9.50
N PRO B 167 13.99 8.65 -9.69
CA PRO B 167 13.96 7.54 -8.70
C PRO B 167 14.59 7.89 -7.36
N ASN B 168 15.33 8.98 -7.23
CA ASN B 168 15.81 9.41 -5.91
C ASN B 168 14.85 10.35 -5.19
N GLY B 169 13.65 10.58 -5.73
CA GLY B 169 12.65 11.35 -5.03
C GLY B 169 12.64 12.81 -5.35
N SER B 170 13.64 13.30 -6.07
CA SER B 170 13.58 14.64 -6.62
C SER B 170 12.64 14.68 -7.83
N THR B 171 12.26 15.89 -8.22
CA THR B 171 11.42 16.07 -9.40
C THR B 171 11.96 17.22 -10.24
N VAL B 172 11.67 17.15 -11.54
CA VAL B 172 12.05 18.19 -12.50
C VAL B 172 10.79 18.71 -13.16
N GLU B 173 10.51 20.00 -12.98
CA GLU B 173 9.32 20.63 -13.55
C GLU B 173 9.67 21.31 -14.86
N HIS B 174 8.88 21.02 -15.89
CA HIS B 174 9.15 21.57 -17.22
C HIS B 174 7.85 21.67 -17.99
N SER B 175 7.87 22.48 -19.04
CA SER B 175 6.71 22.57 -19.92
C SER B 175 6.62 21.31 -20.76
N ALA B 176 5.41 21.01 -21.23
CA ALA B 176 5.21 19.79 -22.01
C ALA B 176 5.95 19.81 -23.34
N GLY B 177 6.28 21.00 -23.85
CA GLY B 177 7.05 21.09 -25.07
C GLY B 177 8.55 21.10 -24.90
N GLU B 178 9.04 21.25 -23.66
CA GLU B 178 10.47 21.22 -23.38
C GLU B 178 10.90 19.81 -23.00
N PRO B 179 11.57 19.07 -23.88
CA PRO B 179 12.09 17.76 -23.48
C PRO B 179 13.21 17.93 -22.47
N LEU B 180 13.37 16.93 -21.60
CA LEU B 180 14.48 16.94 -20.65
C LEU B 180 15.60 16.06 -21.19
N PHE B 181 16.84 16.55 -21.10
CA PHE B 181 18.00 15.77 -21.45
C PHE B 181 19.11 16.04 -20.44
N TRP B 182 19.68 14.97 -19.90
CA TRP B 182 20.85 15.13 -19.05
C TRP B 182 21.70 13.88 -19.13
N THR B 183 22.95 14.05 -18.74
CA THR B 183 23.95 13.01 -18.82
C THR B 183 24.54 12.82 -17.42
N GLU B 184 24.79 11.57 -17.05
CA GLU B 184 25.30 11.25 -15.72
C GLU B 184 26.13 9.98 -15.81
N LYS B 185 27.45 10.12 -15.69
CA LYS B 185 28.41 9.01 -15.72
C LYS B 185 28.29 8.32 -17.08
N ASP B 186 27.85 7.06 -17.15
CA ASP B 186 27.74 6.30 -18.38
C ASP B 186 26.40 6.50 -19.11
N PHE B 187 25.40 7.07 -18.44
CA PHE B 187 24.04 7.19 -18.94
C PHE B 187 23.77 8.59 -19.45
N SER B 188 22.96 8.66 -20.50
CA SER B 188 22.20 9.87 -20.80
C SER B 188 20.71 9.52 -20.79
N TYR B 189 19.89 10.53 -20.49
CA TYR B 189 18.45 10.38 -20.34
C TYR B 189 17.72 11.44 -21.15
N LEU B 190 16.71 11.02 -21.89
CA LEU B 190 15.83 11.93 -22.61
C LEU B 190 14.38 11.64 -22.19
N VAL B 191 13.72 12.64 -21.62
CA VAL B 191 12.30 12.53 -21.25
C VAL B 191 11.48 13.39 -22.20
N LYS B 192 10.57 12.75 -22.94
CA LYS B 192 9.77 13.39 -23.99
C LYS B 192 8.28 13.28 -23.66
N ASP B 193 7.55 14.39 -23.83
CA ASP B 193 6.09 14.41 -23.64
C ASP B 193 5.41 14.42 -25.01
N ASN B 194 4.75 13.31 -25.35
CA ASN B 194 3.94 13.23 -26.56
C ASN B 194 2.47 13.43 -26.22
N PHE B 195 2.19 14.59 -25.63
CA PHE B 195 0.85 14.96 -25.20
C PHE B 195 0.83 16.46 -25.01
N GLU B 196 -0.38 17.00 -24.87
CA GLU B 196 -0.56 18.41 -24.58
C GLU B 196 -1.36 18.59 -23.30
N ILE B 197 -1.10 19.69 -22.60
CA ILE B 197 -1.89 20.05 -21.44
C ILE B 197 -3.14 20.79 -21.93
N GLN B 198 -4.31 20.29 -21.53
CA GLN B 198 -5.59 20.81 -21.98
C GLN B 198 -6.29 21.51 -20.82
N ARG B 199 -6.87 22.67 -21.12
CA ARG B 199 -7.58 23.50 -20.16
C ARG B 199 -9.09 23.30 -20.31
N GLU B 200 -9.82 23.45 -19.20
CA GLU B 200 -11.24 23.12 -19.19
C GLU B 200 -11.90 23.69 -17.95
N GLU B 201 -13.12 24.20 -18.12
CA GLU B 201 -13.89 24.79 -17.02
C GLU B 201 -14.87 23.75 -16.52
N VAL B 202 -14.81 23.45 -15.22
CA VAL B 202 -15.50 22.29 -14.67
C VAL B 202 -16.21 22.68 -13.39
N LYS B 203 -17.16 21.83 -13.00
CA LYS B 203 -17.78 21.87 -11.69
C LYS B 203 -17.40 20.59 -10.95
N ILE B 204 -16.93 20.74 -9.72
CA ILE B 204 -16.39 19.62 -8.95
C ILE B 204 -17.16 19.48 -7.65
N SER B 205 -17.69 18.28 -7.41
CA SER B 205 -18.35 17.99 -6.17
C SER B 205 -17.34 17.84 -5.04
N CYS B 206 -17.53 18.60 -3.98
CA CYS B 206 -16.72 18.54 -2.77
C CYS B 206 -17.66 18.52 -1.56
N PHE B 207 -17.22 17.84 -0.51
CA PHE B 207 -17.84 17.95 0.80
C PHE B 207 -16.97 18.85 1.66
N VAL B 208 -17.54 19.93 2.17
CA VAL B 208 -16.79 20.92 2.92
C VAL B 208 -17.24 20.86 4.36
N ASP B 209 -16.28 20.68 5.25
CA ASP B 209 -16.53 20.40 6.67
C ASP B 209 -15.91 21.56 7.45
N PRO B 210 -16.70 22.57 7.83
CA PRO B 210 -16.15 23.68 8.63
C PRO B 210 -15.84 23.32 10.06
N ASP B 211 -16.34 22.19 10.56
CA ASP B 211 -16.01 21.73 11.92
C ASP B 211 -15.10 20.52 11.88
N TYR B 212 -13.90 20.68 11.32
CA TYR B 212 -12.94 19.59 11.20
C TYR B 212 -11.65 20.02 11.88
N TRP B 213 -11.36 19.40 13.03
CA TRP B 213 -10.15 19.73 13.78
C TRP B 213 -9.48 18.45 14.27
N VAL B 214 -8.30 18.62 14.84
CA VAL B 214 -7.51 17.50 15.37
C VAL B 214 -7.18 17.77 16.85
N GLY B 215 -6.56 18.91 17.12
CA GLY B 215 -6.24 19.29 18.49
C GLY B 215 -7.31 20.13 19.15
N LYS B 220 -13.51 24.07 6.99
CA LYS B 220 -12.08 24.31 6.87
C LYS B 220 -11.34 23.12 6.26
N LYS B 221 -12.04 22.00 6.05
CA LYS B 221 -11.51 20.89 5.27
C LYS B 221 -12.46 20.58 4.12
N ALA B 222 -11.90 20.38 2.93
CA ALA B 222 -12.70 20.10 1.74
C ALA B 222 -12.17 18.86 1.05
N PHE B 223 -13.07 17.91 0.82
CA PHE B 223 -12.73 16.63 0.19
C PHE B 223 -13.52 16.53 -1.10
N CYS B 224 -12.82 16.36 -2.21
CA CYS B 224 -13.47 16.40 -3.52
C CYS B 224 -13.26 15.10 -4.27
N GLN B 225 -14.18 14.88 -5.20
CA GLN B 225 -14.06 13.80 -6.17
C GLN B 225 -14.09 14.41 -7.56
N ASP B 226 -13.25 13.90 -8.45
CA ASP B 226 -13.34 14.26 -9.86
C ASP B 226 -13.06 12.98 -10.65
N GLY B 227 -14.14 12.29 -11.03
CA GLY B 227 -14.01 10.99 -11.68
C GLY B 227 -13.55 9.94 -10.66
N THR B 228 -12.42 9.29 -10.95
CA THR B 228 -11.83 8.33 -10.03
C THR B 228 -10.70 8.93 -9.21
N ASN B 229 -10.56 10.25 -9.21
CA ASN B 229 -9.54 10.93 -8.43
C ASN B 229 -10.20 11.59 -7.24
N PHE B 230 -9.62 11.40 -6.06
CA PHE B 230 -10.15 11.98 -4.83
C PHE B 230 -9.01 12.71 -4.16
N PHE B 231 -9.30 13.89 -3.64
CA PHE B 231 -8.24 14.68 -3.04
C PHE B 231 -8.84 15.64 -2.04
N GLU B 232 -8.03 16.02 -1.06
CA GLU B 232 -8.39 17.11 -0.16
C GLU B 232 -7.86 18.40 -0.74
N VAL B 233 -8.73 19.39 -0.94
CA VAL B 233 -8.29 20.67 -1.46
C VAL B 233 -7.69 21.49 -0.33
N THR B 234 -6.40 21.76 -0.42
CA THR B 234 -5.67 22.47 0.62
C THR B 234 -5.40 23.93 0.28
N SER B 235 -5.52 24.30 -0.99
CA SER B 235 -5.39 25.68 -1.42
C SER B 235 -6.23 25.83 -2.68
N HIS B 236 -6.41 27.08 -3.10
N HIS B 236 -6.40 27.07 -3.12
CA HIS B 236 -7.20 27.37 -4.29
CA HIS B 236 -7.21 27.32 -4.31
C HIS B 236 -6.50 26.92 -5.56
C HIS B 236 -6.50 26.85 -5.56
N GLN B 237 -5.18 26.83 -5.55
CA GLN B 237 -4.36 26.44 -6.69
C GLN B 237 -3.67 25.14 -6.32
N PHE B 238 -4.06 24.05 -6.97
CA PHE B 238 -3.92 22.73 -6.38
C PHE B 238 -3.72 21.70 -7.48
N CYS B 239 -2.88 20.70 -7.23
CA CYS B 239 -2.70 19.62 -8.18
C CYS B 239 -2.86 18.27 -7.49
N HIS B 240 -3.35 17.30 -8.25
CA HIS B 240 -3.40 15.92 -7.80
C HIS B 240 -3.04 15.02 -8.97
N GLN B 241 -1.89 14.34 -8.86
CA GLN B 241 -1.39 13.45 -9.90
C GLN B 241 -1.40 14.13 -11.26
N TYR B 242 -2.15 13.59 -12.21
CA TYR B 242 -2.18 14.08 -13.60
C TYR B 242 -3.03 15.34 -13.80
N ALA B 243 -3.57 15.96 -12.77
CA ALA B 243 -4.49 17.09 -12.94
C ALA B 243 -4.09 18.24 -12.04
N CYS B 244 -4.18 19.46 -12.57
CA CYS B 244 -4.08 20.66 -11.74
C CYS B 244 -5.39 21.41 -11.79
N TYR B 245 -5.71 22.08 -10.69
CA TYR B 245 -6.95 22.81 -10.54
C TYR B 245 -6.66 24.23 -10.09
N ASN B 246 -7.50 25.15 -10.56
CA ASN B 246 -7.53 26.52 -10.07
C ASN B 246 -8.98 26.82 -9.70
N PHE B 247 -9.27 26.77 -8.41
CA PHE B 247 -10.60 27.01 -7.87
C PHE B 247 -10.79 28.51 -7.67
N SER B 248 -11.95 29.02 -8.07
CA SER B 248 -12.32 30.39 -7.74
C SER B 248 -12.30 30.55 -6.22
N LYS B 249 -11.53 31.53 -5.75
CA LYS B 249 -11.31 31.63 -4.31
C LYS B 249 -12.40 32.42 -3.60
N ASP B 250 -13.17 33.23 -4.32
CA ASP B 250 -14.37 33.84 -3.73
C ASP B 250 -15.56 32.89 -3.74
N GLU B 251 -15.30 31.61 -3.51
CA GLU B 251 -16.30 30.56 -3.61
C GLU B 251 -16.00 29.52 -2.53
N LEU B 252 -14.73 29.41 -2.17
CA LEU B 252 -14.27 28.51 -1.13
C LEU B 252 -14.46 29.11 0.26
N ASP B 267 8.25 14.93 5.18
CA ASP B 267 8.34 14.02 6.33
C ASP B 267 9.78 13.57 6.59
N LEU B 268 10.24 13.80 7.82
CA LEU B 268 11.67 13.83 8.11
C LEU B 268 12.45 12.58 7.74
N PRO B 269 11.99 11.34 7.99
CA PRO B 269 12.86 10.17 7.71
C PRO B 269 13.22 10.01 6.23
N PHE B 270 12.47 10.64 5.33
CA PHE B 270 12.70 10.53 3.91
C PHE B 270 13.27 11.80 3.31
N GLY B 271 13.51 12.83 4.11
CA GLY B 271 14.13 14.05 3.63
C GLY B 271 13.47 14.69 2.41
N ASN B 272 12.16 14.91 2.46
CA ASN B 272 11.47 15.69 1.42
C ASN B 272 11.45 14.98 0.07
N LYS B 273 11.54 13.66 0.05
CA LYS B 273 11.39 12.94 -1.21
C LYS B 273 9.92 12.89 -1.61
N SER B 274 9.68 12.89 -2.92
CA SER B 274 8.35 12.58 -3.42
C SER B 274 7.88 11.26 -2.83
N TRP B 275 6.62 11.22 -2.42
CA TRP B 275 6.02 10.00 -1.92
C TRP B 275 5.89 8.93 -2.99
N THR B 276 6.06 9.28 -4.28
CA THR B 276 6.03 8.29 -5.34
C THR B 276 7.25 7.37 -5.32
N VAL B 277 8.26 7.65 -4.51
CA VAL B 277 9.41 6.74 -4.39
C VAL B 277 9.49 6.06 -3.04
N VAL B 278 8.58 6.37 -2.11
CA VAL B 278 8.64 5.76 -0.79
C VAL B 278 7.75 4.53 -0.77
N THR B 279 8.33 3.38 -0.46
CA THR B 279 7.62 2.10 -0.46
C THR B 279 6.65 2.00 0.71
N ALA B 280 5.40 1.60 0.44
CA ALA B 280 4.43 1.35 1.51
C ALA B 280 4.65 -0.03 2.13
N SER B 281 4.59 -0.06 3.46
CA SER B 281 4.77 -1.33 4.16
C SER B 281 3.43 -2.00 4.38
N ILE B 282 3.48 -3.30 4.70
CA ILE B 282 2.28 -4.02 5.12
C ILE B 282 1.73 -3.41 6.40
N ASP B 283 2.63 -2.98 7.29
CA ASP B 283 2.19 -2.25 8.48
C ASP B 283 1.34 -1.04 8.12
N ASP B 284 1.73 -0.27 7.09
CA ASP B 284 0.93 0.88 6.67
C ASP B 284 -0.43 0.45 6.17
N LEU B 285 -0.48 -0.65 5.43
CA LEU B 285 -1.76 -1.17 4.94
C LEU B 285 -2.66 -1.59 6.10
N HIS B 286 -2.09 -2.26 7.11
CA HIS B 286 -2.88 -2.68 8.28
C HIS B 286 -3.50 -1.48 8.98
N ALA B 287 -2.76 -0.36 9.06
CA ALA B 287 -3.27 0.82 9.75
C ALA B 287 -4.45 1.44 8.99
N LEU B 288 -4.36 1.50 7.66
CA LEU B 288 -5.50 1.97 6.88
C LEU B 288 -6.68 1.01 7.00
N SER B 289 -6.38 -0.30 6.94
CA SER B 289 -7.40 -1.32 7.10
C SER B 289 -8.11 -1.20 8.46
N ALA B 290 -7.34 -0.92 9.53
CA ALA B 290 -7.95 -0.78 10.86
C ALA B 290 -8.94 0.38 10.90
N ALA B 291 -8.62 1.48 10.20
CA ALA B 291 -9.49 2.65 10.15
C ALA B 291 -10.79 2.32 9.42
N GLN B 292 -10.68 1.66 8.25
CA GLN B 292 -11.85 1.14 7.55
C GLN B 292 -12.72 0.29 8.47
N ALA B 293 -12.10 -0.61 9.23
CA ALA B 293 -12.86 -1.50 10.11
C ALA B 293 -13.62 -0.72 11.18
N PHE B 294 -12.95 0.27 11.77
CA PHE B 294 -13.61 1.05 12.82
C PHE B 294 -14.80 1.80 12.25
N GLU B 295 -14.62 2.43 11.08
CA GLU B 295 -15.72 3.17 10.47
C GLU B 295 -16.87 2.25 10.09
N LEU B 296 -16.55 1.05 9.58
CA LEU B 296 -17.61 0.14 9.16
C LEU B 296 -18.39 -0.43 10.35
N GLU B 297 -17.72 -0.68 11.48
CA GLU B 297 -18.46 -1.10 12.66
C GLU B 297 -19.27 0.04 13.28
N GLY B 298 -18.80 1.28 13.11
CA GLY B 298 -19.61 2.42 13.47
C GLY B 298 -20.84 2.57 12.59
N LEU B 299 -20.67 2.38 11.27
CA LEU B 299 -21.83 2.41 10.39
C LEU B 299 -22.79 1.29 10.72
N ARG B 300 -22.27 0.13 11.13
CA ARG B 300 -23.13 -0.97 11.56
C ARG B 300 -23.98 -0.56 12.76
N ALA B 301 -23.35 0.01 13.79
CA ALA B 301 -24.08 0.47 14.97
C ALA B 301 -25.11 1.54 14.61
N SER B 302 -24.74 2.44 13.69
CA SER B 302 -25.61 3.53 13.31
C SER B 302 -26.79 3.01 12.50
N PHE B 303 -26.54 2.03 11.61
CA PHE B 303 -27.65 1.37 10.93
C PHE B 303 -28.60 0.71 11.92
N ALA B 304 -28.07 0.09 12.98
CA ALA B 304 -28.92 -0.49 14.00
C ALA B 304 -29.80 0.56 14.67
N GLU B 305 -29.28 1.78 14.87
CA GLU B 305 -30.13 2.82 15.46
C GLU B 305 -31.19 3.29 14.47
N LEU B 306 -30.85 3.33 13.18
CA LEU B 306 -31.84 3.69 12.15
C LEU B 306 -32.98 2.69 12.11
N ASP B 307 -32.67 1.39 12.12
CA ASP B 307 -33.71 0.38 12.13
C ASP B 307 -34.55 0.46 13.40
N SER B 308 -33.91 0.76 14.53
CA SER B 308 -34.64 0.99 15.77
C SER B 308 -35.63 2.15 15.62
N ARG B 309 -35.23 3.22 14.93
CA ARG B 309 -36.12 4.36 14.82
C ARG B 309 -37.34 4.03 13.96
N PHE B 310 -37.13 3.28 12.87
CA PHE B 310 -38.26 2.83 12.07
C PHE B 310 -39.16 1.88 12.85
N ARG B 311 -38.56 0.99 13.64
CA ARG B 311 -39.35 0.16 14.54
C ARG B 311 -40.23 1.04 15.43
N GLN B 312 -39.63 2.07 16.04
CA GLN B 312 -40.35 2.93 16.95
C GLN B 312 -41.42 3.73 16.23
N LEU B 313 -41.09 4.29 15.05
CA LEU B 313 -42.11 5.04 14.30
C LEU B 313 -43.28 4.15 13.92
N SER B 314 -43.01 2.89 13.55
CA SER B 314 -44.11 2.01 13.19
C SER B 314 -45.00 1.73 14.38
N GLU B 315 -44.45 1.74 15.60
CA GLU B 315 -45.29 1.56 16.79
C GLU B 315 -46.13 2.80 17.06
N ILE B 316 -45.54 3.99 16.95
CA ILE B 316 -46.28 5.23 17.13
C ILE B 316 -47.37 5.36 16.08
N LEU B 317 -47.01 5.18 14.81
CA LEU B 317 -48.00 5.32 13.74
C LEU B 317 -49.12 4.31 13.88
N ASP B 318 -48.81 3.07 14.28
CA ASP B 318 -49.87 2.08 14.44
C ASP B 318 -50.86 2.51 15.52
N THR B 319 -50.37 3.03 16.65
CA THR B 319 -51.25 3.48 17.73
C THR B 319 -52.06 4.71 17.31
N VAL B 320 -51.43 5.62 16.58
CA VAL B 320 -52.11 6.79 16.05
C VAL B 320 -53.19 6.39 15.06
N ILE B 321 -52.84 5.52 14.12
CA ILE B 321 -53.82 5.10 13.11
C ILE B 321 -55.00 4.42 13.78
N SER B 322 -54.71 3.58 14.79
CA SER B 322 -55.76 2.87 15.51
C SER B 322 -56.78 3.84 16.11
N SER B 323 -56.31 4.99 16.57
CA SER B 323 -57.19 5.98 17.17
C SER B 323 -57.98 6.75 16.11
N ILE B 324 -57.37 7.08 14.97
CA ILE B 324 -58.10 7.81 13.93
C ILE B 324 -59.07 6.87 13.21
N ALA B 325 -58.66 5.62 12.98
CA ALA B 325 -59.46 4.68 12.21
C ALA B 325 -60.77 4.32 12.90
N LYS B 326 -60.84 4.41 14.23
CA LYS B 326 -62.13 4.19 14.91
C LYS B 326 -63.14 5.25 14.50
N ILE B 327 -62.68 6.47 14.25
CA ILE B 327 -63.53 7.55 13.77
C ILE B 327 -63.75 7.43 12.27
N ASP B 328 -62.66 7.31 11.49
CA ASP B 328 -62.72 7.26 10.02
C ASP B 328 -62.56 5.82 9.56
N GLU B 329 -63.69 5.14 9.33
CA GLU B 329 -63.70 3.74 8.95
C GLU B 329 -63.17 3.47 7.55
N ARG B 330 -62.80 4.49 6.78
CA ARG B 330 -62.24 4.24 5.45
C ARG B 330 -60.72 4.34 5.42
N LEU B 331 -60.11 4.83 6.51
CA LEU B 331 -58.68 5.10 6.54
C LEU B 331 -57.85 3.85 6.27
N ILE B 332 -58.15 2.75 6.96
CA ILE B 332 -57.33 1.56 6.81
C ILE B 332 -57.40 1.04 5.38
N GLY B 333 -58.61 1.00 4.82
CA GLY B 333 -58.76 0.63 3.42
C GLY B 333 -57.90 1.48 2.49
N ARG B 334 -57.79 2.77 2.78
CA ARG B 334 -56.95 3.64 1.98
CA ARG B 334 -56.94 3.61 1.95
C ARG B 334 -55.46 3.37 2.19
N LEU B 335 -55.06 2.94 3.39
CA LEU B 335 -53.65 2.65 3.64
C LEU B 335 -53.20 1.39 2.93
N ILE B 336 -54.08 0.38 2.86
CA ILE B 336 -53.78 -0.87 2.17
C ILE B 336 -54.30 -0.89 0.74
N LYS B 337 -54.87 0.21 0.24
CA LYS B 337 -55.45 0.29 -1.10
C LYS B 337 -56.40 -0.88 -1.36
N ALA B 338 -57.56 -0.80 -0.69
CA ALA B 338 -58.57 -1.84 -0.83
C ALA B 338 -59.92 -1.22 -0.51
N PRO B 339 -61.01 -1.62 -1.21
CA PRO B 339 -62.33 -0.99 -0.98
C PRO B 339 -63.02 -1.58 0.24
N VAL B 340 -62.48 -1.30 1.44
CA VAL B 340 -63.02 -1.84 2.68
C VAL B 340 -63.23 -0.71 3.69
N SER B 341 -64.23 -0.90 4.55
CA SER B 341 -64.40 -0.12 5.78
C SER B 341 -64.08 -1.02 6.98
N SER B 342 -63.56 -0.44 8.04
CA SER B 342 -63.14 -1.19 9.21
C SER B 342 -64.13 -1.04 10.37
N ARG B 343 -64.04 -1.96 11.31
CA ARG B 343 -64.86 -1.91 12.53
C ARG B 343 -64.01 -2.47 13.65
N PHE B 344 -63.63 -1.62 14.58
CA PHE B 344 -62.79 -2.09 15.67
C PHE B 344 -63.62 -2.88 16.67
N ILE B 345 -63.09 -4.03 17.07
CA ILE B 345 -63.71 -4.84 18.11
C ILE B 345 -62.92 -4.79 19.40
N SER B 346 -61.72 -4.23 19.38
CA SER B 346 -60.96 -3.92 20.58
C SER B 346 -60.08 -2.71 20.28
N GLU B 347 -59.09 -2.46 21.13
CA GLU B 347 -58.18 -1.34 20.90
C GLU B 347 -57.44 -1.50 19.58
N ASP B 348 -56.85 -2.67 19.37
CA ASP B 348 -56.00 -2.91 18.21
C ASP B 348 -56.67 -3.76 17.13
N LYS B 349 -57.70 -4.53 17.47
CA LYS B 349 -58.29 -5.48 16.54
C LYS B 349 -59.50 -4.89 15.82
N PHE B 350 -59.59 -5.17 14.52
CA PHE B 350 -60.68 -4.64 13.72
C PHE B 350 -61.06 -5.67 12.67
N LEU B 351 -62.31 -5.61 12.26
CA LEU B 351 -62.86 -6.35 11.15
C LEU B 351 -62.79 -5.49 9.90
N LEU B 352 -62.91 -6.14 8.76
CA LEU B 352 -63.00 -5.44 7.49
C LEU B 352 -64.29 -5.83 6.79
N HIS B 353 -65.07 -4.83 6.41
CA HIS B 353 -66.30 -5.05 5.66
C HIS B 353 -66.06 -4.75 4.19
N GLN B 354 -66.59 -5.59 3.31
CA GLN B 354 -66.36 -5.46 1.88
C GLN B 354 -67.69 -5.57 1.12
N CYS B 355 -67.63 -5.17 -0.15
CA CYS B 355 -68.74 -5.20 -1.12
C CYS B 355 -70.02 -4.63 -0.52
N VAL B 388 -55.12 23.43 -16.80
CA VAL B 388 -56.36 23.91 -17.39
C VAL B 388 -57.25 22.72 -17.81
N VAL B 389 -58.04 22.17 -16.87
CA VAL B 389 -58.17 22.68 -15.50
C VAL B 389 -56.94 22.37 -14.64
N ASP B 390 -56.57 23.32 -13.78
CA ASP B 390 -55.31 23.24 -13.06
C ASP B 390 -55.26 22.02 -12.14
N GLU B 391 -54.15 21.29 -12.22
CA GLU B 391 -53.87 20.24 -11.26
C GLU B 391 -53.74 20.85 -9.87
N PRO B 392 -53.99 20.07 -8.82
CA PRO B 392 -53.80 20.58 -7.46
C PRO B 392 -52.37 21.05 -7.25
N ILE B 393 -52.23 22.13 -6.49
CA ILE B 393 -50.92 22.64 -6.11
C ILE B 393 -50.35 21.75 -5.01
N GLY B 394 -49.15 21.22 -5.24
CA GLY B 394 -48.53 20.37 -4.24
C GLY B 394 -48.07 21.19 -3.07
N ILE B 395 -48.29 20.66 -1.87
CA ILE B 395 -47.72 21.21 -0.66
C ILE B 395 -46.78 20.17 -0.06
N ASP B 396 -45.56 20.57 0.21
CA ASP B 396 -44.50 19.68 0.72
C ASP B 396 -44.32 20.00 2.19
N ILE B 397 -44.83 19.12 3.07
CA ILE B 397 -44.61 19.26 4.50
C ILE B 397 -43.33 18.55 4.96
N TYR B 398 -42.68 17.79 4.08
CA TYR B 398 -41.49 17.06 4.52
C TYR B 398 -40.20 17.83 4.31
N ASN B 399 -40.03 18.45 3.14
CA ASN B 399 -38.85 19.25 2.82
C ASN B 399 -37.56 18.45 3.04
N PHE B 400 -37.57 17.19 2.61
CA PHE B 400 -36.38 16.35 2.66
C PHE B 400 -35.42 16.79 1.56
N SER B 401 -34.13 16.74 1.86
CA SER B 401 -33.09 16.93 0.86
C SER B 401 -32.64 15.59 0.30
N ALA B 402 -32.25 15.59 -0.97
CA ALA B 402 -31.78 14.37 -1.62
C ALA B 402 -30.58 13.82 -0.86
N LEU B 403 -30.60 12.52 -0.61
CA LEU B 403 -29.44 11.87 -0.02
C LEU B 403 -28.31 11.82 -1.01
N TRP B 404 -27.09 12.02 -0.53
CA TRP B 404 -25.94 11.60 -1.30
C TRP B 404 -25.71 10.13 -1.05
N TYR B 405 -25.53 9.37 -2.13
CA TYR B 405 -25.34 7.93 -2.11
C TYR B 405 -23.86 7.61 -2.33
N PRO B 406 -23.28 6.71 -1.57
CA PRO B 406 -21.90 6.30 -1.84
C PRO B 406 -21.81 5.44 -3.09
N SER B 407 -20.57 5.22 -3.52
CA SER B 407 -20.30 4.47 -4.73
C SER B 407 -18.87 3.93 -4.62
N ALA B 408 -18.66 2.76 -5.19
CA ALA B 408 -17.32 2.19 -5.28
C ALA B 408 -16.37 3.19 -5.93
N ALA B 409 -15.26 3.45 -5.25
CA ALA B 409 -14.19 4.29 -5.77
C ALA B 409 -13.14 3.38 -6.41
N GLU B 410 -12.92 3.54 -7.71
CA GLU B 410 -11.96 2.73 -8.45
C GLU B 410 -10.69 3.56 -8.64
N VAL B 411 -9.91 3.69 -7.58
CA VAL B 411 -8.69 4.48 -7.63
C VAL B 411 -7.62 3.71 -8.39
N ASP B 412 -6.89 4.42 -9.26
CA ASP B 412 -5.77 3.83 -10.00
C ASP B 412 -4.50 3.95 -9.18
N PHE B 413 -3.72 2.88 -9.13
CA PHE B 413 -2.47 2.88 -8.40
C PHE B 413 -1.32 2.84 -9.40
N ARG B 414 -0.25 3.57 -9.09
CA ARG B 414 0.83 3.72 -10.04
C ARG B 414 2.10 2.97 -9.66
N GLY B 415 2.30 2.62 -8.39
CA GLY B 415 3.51 1.96 -7.94
C GLY B 415 4.65 2.95 -7.76
N THR B 416 5.76 2.47 -7.19
CA THR B 416 6.90 3.36 -7.02
C THR B 416 7.56 3.61 -8.37
N VAL B 417 8.18 4.79 -8.48
CA VAL B 417 8.98 5.13 -9.65
C VAL B 417 10.03 4.06 -9.93
N GLN B 418 10.74 3.62 -8.86
CA GLN B 418 11.81 2.62 -9.03
C GLN B 418 11.26 1.32 -9.60
N SER B 419 9.97 1.03 -9.41
CA SER B 419 9.38 -0.18 -9.96
C SER B 419 9.25 -0.13 -11.48
N GLU B 420 9.31 1.06 -12.07
CA GLU B 420 9.06 1.15 -13.50
C GLU B 420 10.23 0.61 -14.31
N ASP B 421 9.91 -0.02 -15.43
CA ASP B 421 10.91 -0.62 -16.30
C ASP B 421 11.97 0.38 -16.74
N GLY B 422 11.57 1.61 -17.06
CA GLY B 422 12.54 2.58 -17.52
C GLY B 422 13.64 2.87 -16.51
N TRP B 423 13.28 3.01 -15.23
CA TRP B 423 14.30 3.32 -14.23
C TRP B 423 14.98 2.07 -13.72
N SER B 424 14.27 0.94 -13.62
CA SER B 424 14.95 -0.29 -13.23
C SER B 424 15.97 -0.74 -14.27
N PHE B 425 15.84 -0.27 -15.52
CA PHE B 425 16.87 -0.51 -16.54
C PHE B 425 18.23 0.03 -16.11
N VAL B 426 18.25 1.17 -15.42
CA VAL B 426 19.51 1.75 -14.96
C VAL B 426 20.17 0.86 -13.92
N VAL B 427 19.36 0.31 -12.99
CA VAL B 427 19.87 -0.57 -11.93
C VAL B 427 20.36 -1.88 -12.53
N LYS B 428 19.59 -2.46 -13.46
CA LYS B 428 20.03 -3.67 -14.16
C LYS B 428 21.34 -3.44 -14.90
N SER B 429 21.52 -2.26 -15.51
CA SER B 429 22.79 -1.97 -16.17
C SER B 429 23.95 -1.99 -15.16
N LYS B 430 23.74 -1.37 -14.00
CA LYS B 430 24.75 -1.38 -12.94
C LYS B 430 25.01 -2.80 -12.45
N ASP B 431 23.96 -3.58 -12.23
CA ASP B 431 24.15 -4.94 -11.74
C ASP B 431 24.91 -5.79 -12.74
N ALA B 432 24.58 -5.63 -14.02
CA ALA B 432 25.27 -6.38 -15.07
C ALA B 432 26.74 -5.99 -15.17
N LEU B 433 27.06 -4.71 -14.97
CA LEU B 433 28.46 -4.30 -15.01
C LEU B 433 29.25 -4.97 -13.89
N ILE B 434 28.64 -5.08 -12.71
CA ILE B 434 29.28 -5.72 -11.56
C ILE B 434 29.56 -7.19 -11.85
N GLN B 435 28.61 -7.87 -12.51
CA GLN B 435 28.82 -9.27 -12.83
C GLN B 435 29.97 -9.45 -13.83
N THR B 436 30.03 -8.59 -14.86
CA THR B 436 31.04 -8.75 -15.89
C THR B 436 32.44 -8.38 -15.37
N MET B 437 32.51 -7.38 -14.50
CA MET B 437 33.77 -6.90 -13.97
C MET B 437 34.29 -7.75 -12.81
N MET B 438 33.52 -8.74 -12.38
CA MET B 438 33.82 -9.44 -11.13
C MET B 438 35.24 -10.05 -11.13
N TYR B 439 35.68 -10.57 -12.27
CA TYR B 439 37.08 -10.99 -12.39
C TYR B 439 37.53 -10.79 -13.83
N THR B 440 38.84 -10.66 -14.00
CA THR B 440 39.41 -10.52 -15.32
C THR B 440 39.44 -11.86 -16.03
N LYS B 441 39.23 -11.83 -17.34
CA LYS B 441 39.20 -13.05 -18.15
C LYS B 441 40.49 -13.08 -18.97
N ASN B 442 41.59 -13.47 -18.32
CA ASN B 442 42.93 -13.37 -18.90
C ASN B 442 43.49 -14.69 -19.44
N GLY B 443 42.66 -15.73 -19.57
CA GLY B 443 43.08 -16.91 -20.30
C GLY B 443 42.69 -16.74 -21.76
N GLY B 444 43.45 -17.28 -22.72
CA GLY B 444 44.69 -18.00 -22.47
C GLY B 444 45.48 -18.21 -23.77
N LYS B 445 46.38 -17.28 -24.07
CA LYS B 445 47.08 -17.28 -25.36
C LYS B 445 48.56 -16.96 -25.16
N GLY B 446 49.34 -17.18 -26.23
CA GLY B 446 50.78 -16.90 -26.22
C GLY B 446 51.51 -17.33 -27.47
N THR B 447 52.14 -16.37 -28.16
CA THR B 447 52.91 -16.63 -29.38
C THR B 447 54.09 -17.57 -29.11
N ASP C 1 -75.97 -8.19 -6.10
CA ASP C 1 -76.73 -8.22 -4.86
C ASP C 1 -75.96 -7.64 -3.68
N CYS C 2 -74.86 -6.92 -3.98
CA CYS C 2 -73.99 -6.40 -2.92
C CYS C 2 -74.65 -5.25 -2.15
N ASN C 3 -75.97 -5.33 -1.96
CA ASN C 3 -76.61 -4.59 -0.89
C ASN C 3 -76.11 -5.07 0.47
N THR C 4 -75.74 -6.33 0.55
CA THR C 4 -75.22 -6.95 1.76
C THR C 4 -73.71 -6.83 1.83
N LYS C 5 -73.19 -6.58 3.03
CA LYS C 5 -71.75 -6.47 3.25
C LYS C 5 -71.25 -7.73 3.94
N THR C 6 -70.05 -8.15 3.56
CA THR C 6 -69.40 -9.28 4.19
C THR C 6 -68.35 -8.78 5.17
N ALA C 7 -68.00 -9.63 6.14
CA ALA C 7 -67.07 -9.26 7.20
C ALA C 7 -66.00 -10.34 7.32
N THR C 8 -64.74 -9.92 7.38
CA THR C 8 -63.62 -10.81 7.67
C THR C 8 -62.79 -10.22 8.81
N GLY C 9 -61.97 -11.08 9.40
CA GLY C 9 -61.14 -10.64 10.50
C GLY C 9 -61.30 -11.47 11.76
N PRO C 10 -60.81 -10.96 12.89
CA PRO C 10 -60.23 -9.61 12.97
C PRO C 10 -58.79 -9.54 12.45
N TYR C 11 -58.40 -8.33 12.05
CA TYR C 11 -57.05 -8.03 11.62
C TYR C 11 -56.37 -7.14 12.65
N ILE C 12 -55.06 -6.98 12.47
CA ILE C 12 -54.26 -6.08 13.30
C ILE C 12 -53.17 -5.51 12.41
N LEU C 13 -52.77 -4.27 12.70
CA LEU C 13 -51.69 -3.64 11.97
C LEU C 13 -50.36 -4.18 12.47
N ASP C 14 -49.54 -4.69 11.55
CA ASP C 14 -48.22 -5.19 11.92
C ASP C 14 -47.30 -4.05 12.34
N ARG C 15 -46.60 -4.23 13.45
CA ARG C 15 -45.48 -3.36 13.76
C ARG C 15 -44.23 -3.86 13.05
N TYR C 16 -43.30 -2.95 12.80
CA TYR C 16 -42.06 -3.31 12.14
C TYR C 16 -41.05 -3.79 13.19
N LYS C 17 -40.48 -4.97 12.97
CA LYS C 17 -39.58 -5.58 13.95
C LYS C 17 -38.30 -6.08 13.28
N PRO C 18 -37.24 -5.27 13.27
CA PRO C 18 -35.99 -5.69 12.65
C PRO C 18 -35.17 -6.60 13.56
N LYS C 19 -34.44 -7.52 12.93
CA LYS C 19 -33.51 -8.35 13.68
C LYS C 19 -32.48 -7.48 14.39
N PRO C 20 -32.27 -7.64 15.70
CA PRO C 20 -31.33 -6.76 16.41
C PRO C 20 -29.88 -7.09 16.08
N VAL C 21 -29.07 -6.04 16.00
CA VAL C 21 -27.63 -6.15 15.81
C VAL C 21 -26.96 -5.59 17.07
N THR C 22 -26.03 -6.36 17.63
CA THR C 22 -25.54 -6.16 18.99
C THR C 22 -24.43 -5.14 19.13
N VAL C 23 -23.63 -4.89 18.09
CA VAL C 23 -22.50 -3.98 18.21
C VAL C 23 -22.96 -2.67 18.82
N SER C 24 -22.17 -2.13 19.74
CA SER C 24 -22.51 -0.89 20.42
C SER C 24 -21.25 -0.12 20.74
N LYS C 25 -21.43 1.16 21.06
CA LYS C 25 -20.32 2.09 21.30
C LYS C 25 -20.00 2.13 22.79
N LYS C 26 -18.80 1.69 23.14
CA LYS C 26 -18.27 1.76 24.50
C LYS C 26 -17.31 2.93 24.64
N LEU C 27 -17.18 3.41 25.87
CA LEU C 27 -16.20 4.43 26.22
C LEU C 27 -15.30 3.83 27.30
N TYR C 28 -14.16 3.28 26.89
CA TYR C 28 -13.29 2.53 27.77
C TYR C 28 -12.24 3.43 28.42
N SER C 29 -11.99 3.20 29.71
CA SER C 29 -10.92 3.89 30.41
C SER C 29 -9.61 3.15 30.17
N ALA C 30 -8.56 3.91 29.93
CA ALA C 30 -7.27 3.32 29.63
C ALA C 30 -6.17 4.27 30.11
N THR C 31 -5.06 3.68 30.52
CA THR C 31 -3.83 4.44 30.67
C THR C 31 -3.08 4.39 29.35
N ARG C 32 -2.75 5.55 28.81
CA ARG C 32 -2.12 5.64 27.50
C ARG C 32 -0.70 6.14 27.67
N TYR C 33 0.23 5.48 26.99
CA TYR C 33 1.64 5.84 27.00
C TYR C 33 2.01 6.30 25.59
N THR C 34 2.47 7.55 25.48
CA THR C 34 2.85 8.15 24.21
C THR C 34 4.15 8.91 24.39
N THR C 35 4.74 9.29 23.27
CA THR C 35 6.05 9.95 23.27
C THR C 35 5.91 11.40 22.81
N SER C 36 6.77 12.26 23.34
CA SER C 36 6.83 13.66 22.94
C SER C 36 7.46 13.88 21.56
N ALA C 37 7.75 12.82 20.82
CA ALA C 37 8.35 12.91 19.50
C ALA C 37 8.05 11.61 18.77
N GLN C 38 8.06 11.66 17.43
CA GLN C 38 7.72 10.49 16.65
C GLN C 38 8.91 9.83 15.98
N ASN C 39 10.13 10.29 16.24
CA ASN C 39 11.31 9.73 15.61
CA ASN C 39 11.32 9.74 15.61
C ASN C 39 12.41 9.52 16.65
N GLU C 40 13.17 8.43 16.47
CA GLU C 40 14.45 8.26 17.11
C GLU C 40 15.51 8.91 16.22
N LEU C 41 16.68 9.13 16.77
CA LEU C 41 17.80 9.67 16.01
C LEU C 41 18.81 8.55 15.81
N LEU C 42 18.98 8.13 14.55
CA LEU C 42 19.98 7.12 14.20
C LEU C 42 21.27 7.83 13.75
N THR C 43 22.36 7.55 14.44
CA THR C 43 23.67 7.95 13.96
C THR C 43 24.42 6.71 13.51
N ALA C 44 24.79 6.68 12.24
CA ALA C 44 25.48 5.52 11.67
C ALA C 44 26.75 6.01 10.98
N GLY C 45 27.87 5.40 11.30
CA GLY C 45 29.13 5.80 10.71
C GLY C 45 29.97 4.59 10.36
N TYR C 46 30.77 4.73 9.30
CA TYR C 46 31.59 3.61 8.84
C TYR C 46 33.00 4.09 8.57
N ARG C 47 33.97 3.18 8.64
CA ARG C 47 35.35 3.52 8.33
C ARG C 47 36.14 2.26 8.02
N THR C 48 36.85 2.27 6.90
CA THR C 48 37.54 1.09 6.42
C THR C 48 38.82 1.57 5.76
N ALA C 49 39.90 0.82 5.95
CA ALA C 49 41.15 1.07 5.26
C ALA C 49 41.36 -0.02 4.23
N TRP C 50 41.87 0.37 3.06
CA TRP C 50 42.46 -0.58 2.12
C TRP C 50 43.96 -0.56 2.38
N VAL C 51 44.53 -1.74 2.59
CA VAL C 51 45.94 -1.87 2.94
C VAL C 51 46.53 -2.91 2.02
N ALA C 52 47.49 -2.51 1.19
CA ALA C 52 48.12 -3.40 0.22
C ALA C 52 49.63 -3.38 0.46
N TYR C 53 50.15 -4.47 1.03
CA TYR C 53 51.59 -4.61 1.31
C TYR C 53 52.14 -5.67 0.37
N CYS C 54 53.03 -5.26 -0.52
CA CYS C 54 53.54 -6.10 -1.59
C CYS C 54 55.06 -6.20 -1.51
N TYR C 55 55.59 -7.31 -2.03
CA TYR C 55 57.03 -7.49 -2.20
C TYR C 55 57.27 -7.88 -3.65
N ASN C 56 58.25 -7.22 -4.27
CA ASN C 56 58.64 -7.49 -5.65
C ASN C 56 60.07 -7.99 -5.62
N GLY C 57 60.24 -9.31 -5.74
CA GLY C 57 61.56 -9.90 -5.91
C GLY C 57 61.63 -10.73 -7.18
N GLY C 58 60.77 -10.41 -8.14
CA GLY C 58 60.72 -11.17 -9.37
C GLY C 58 59.93 -12.46 -9.19
N LEU C 59 59.43 -13.00 -10.30
CA LEU C 59 58.56 -14.15 -10.26
C LEU C 59 59.25 -15.42 -9.79
N VAL C 60 60.59 -15.46 -9.82
CA VAL C 60 61.33 -16.61 -9.28
C VAL C 60 61.19 -16.68 -7.77
N ASP C 61 61.07 -15.53 -7.12
CA ASP C 61 61.01 -15.47 -5.65
C ASP C 61 59.59 -15.80 -5.19
N SER C 62 59.46 -16.87 -4.40
CA SER C 62 58.13 -17.26 -3.96
C SER C 62 57.50 -16.27 -2.98
N ASN C 63 58.26 -15.30 -2.47
CA ASN C 63 57.70 -14.25 -1.61
C ASN C 63 57.12 -13.09 -2.40
N THR C 64 57.31 -13.08 -3.72
CA THR C 64 56.77 -11.99 -4.51
C THR C 64 55.24 -12.07 -4.51
N GLY C 65 54.60 -10.96 -4.25
CA GLY C 65 53.15 -10.93 -4.26
C GLY C 65 52.67 -9.82 -3.35
N CYS C 66 51.37 -9.87 -3.06
CA CYS C 66 50.71 -8.82 -2.31
C CYS C 66 49.83 -9.42 -1.22
N ASN C 67 49.86 -8.80 -0.05
CA ASN C 67 48.87 -8.97 1.00
C ASN C 67 48.00 -7.71 0.95
N ALA C 68 46.85 -7.81 0.28
CA ALA C 68 46.02 -6.64 0.02
C ALA C 68 44.60 -6.95 0.50
N ARG C 69 44.07 -6.10 1.38
CA ARG C 69 42.74 -6.37 1.92
C ARG C 69 42.12 -5.12 2.54
N LEU C 70 40.80 -5.19 2.76
CA LEU C 70 40.11 -4.17 3.52
C LEU C 70 40.20 -4.51 5.00
N LEU C 71 40.41 -3.48 5.82
CA LEU C 71 40.42 -3.61 7.27
C LEU C 71 39.44 -2.61 7.86
N HIS C 72 38.50 -3.12 8.64
CA HIS C 72 37.43 -2.30 9.18
C HIS C 72 37.86 -1.66 10.49
N TYR C 73 37.61 -0.36 10.60
CA TYR C 73 37.86 0.41 11.81
C TYR C 73 36.59 1.17 12.18
N PRO C 74 35.53 0.46 12.52
CA PRO C 74 34.26 1.11 12.82
C PRO C 74 34.43 2.09 13.97
N PRO C 75 33.78 3.25 13.92
CA PRO C 75 33.95 4.23 15.00
C PRO C 75 33.51 3.66 16.34
N SER C 76 34.20 4.09 17.39
CA SER C 76 33.73 3.81 18.73
C SER C 76 32.53 4.70 19.06
N ARG C 77 31.89 4.43 20.20
CA ARG C 77 30.73 5.21 20.60
C ARG C 77 31.11 6.68 20.80
N ASP C 78 32.24 6.94 21.45
CA ASP C 78 32.70 8.32 21.60
C ASP C 78 32.96 8.96 20.24
N GLU C 79 33.66 8.24 19.35
CA GLU C 79 33.89 8.80 18.02
C GLU C 79 32.57 9.15 17.33
N LEU C 80 31.62 8.23 17.37
CA LEU C 80 30.38 8.38 16.62
C LEU C 80 29.60 9.60 17.11
N LEU C 81 29.60 9.85 18.42
CA LEU C 81 28.98 11.05 18.98
C LEU C 81 29.62 12.33 18.43
N LEU C 82 30.95 12.34 18.30
CA LEU C 82 31.65 13.48 17.74
C LEU C 82 31.44 13.59 16.24
N TRP C 83 31.41 12.44 15.53
CA TRP C 83 31.06 12.46 14.12
C TRP C 83 29.67 13.04 13.91
N GLY C 84 28.70 12.61 14.72
CA GLY C 84 27.34 13.09 14.56
C GLY C 84 27.22 14.58 14.77
N SER C 85 27.84 15.10 15.83
CA SER C 85 27.70 16.51 16.17
C SER C 85 28.42 17.41 15.16
N SER C 86 29.60 16.99 14.70
CA SER C 86 30.37 17.78 13.76
C SER C 86 30.03 17.51 12.30
N HIS C 87 29.21 16.50 12.02
CA HIS C 87 28.91 16.06 10.64
C HIS C 87 30.17 15.78 9.83
N GLN C 88 31.17 15.18 10.47
CA GLN C 88 32.42 14.86 9.80
C GLN C 88 32.89 13.49 10.26
N CYS C 89 33.75 12.87 9.45
CA CYS C 89 34.31 11.57 9.81
C CYS C 89 35.82 11.68 9.76
N SER C 90 36.50 10.77 10.45
CA SER C 90 37.95 10.82 10.53
C SER C 90 38.54 9.57 9.91
N TYR C 91 39.76 9.72 9.39
CA TYR C 91 40.43 8.61 8.75
C TYR C 91 41.92 8.71 9.02
N GLY C 92 42.66 7.69 8.58
CA GLY C 92 44.08 7.59 8.88
C GLY C 92 44.94 8.18 7.79
N ASP C 93 46.25 8.01 7.96
CA ASP C 93 47.18 8.49 6.96
C ASP C 93 47.10 7.68 5.67
N ILE C 94 47.26 8.37 4.57
CA ILE C 94 47.30 7.77 3.24
C ILE C 94 48.74 7.44 2.89
N CYS C 95 48.96 6.27 2.32
CA CYS C 95 50.25 5.85 1.81
C CYS C 95 50.10 5.56 0.33
N HIS C 96 50.83 6.27 -0.50
CA HIS C 96 50.80 6.07 -1.95
C HIS C 96 52.18 5.58 -2.39
N ASP C 97 52.24 4.31 -2.82
CA ASP C 97 53.45 3.67 -3.36
C ASP C 97 54.66 3.89 -2.45
N CYS C 98 54.47 3.69 -1.15
CA CYS C 98 55.55 3.89 -0.19
C CYS C 98 56.43 2.66 -0.20
N TRP C 99 57.71 2.83 -0.44
CA TRP C 99 58.60 1.69 -0.51
C TRP C 99 59.76 1.85 0.46
N GLY C 100 60.53 0.78 0.60
CA GLY C 100 61.67 0.82 1.50
C GLY C 100 61.21 0.92 2.94
N SER C 101 61.89 1.80 3.70
CA SER C 101 61.52 2.00 5.09
C SER C 101 60.15 2.64 5.21
N ASP C 102 59.73 3.42 4.22
CA ASP C 102 58.38 4.00 4.26
C ASP C 102 57.29 2.94 4.20
N SER C 103 57.62 1.71 3.77
CA SER C 103 56.57 0.70 3.63
C SER C 103 56.13 0.12 4.97
N TYR C 104 56.77 0.49 6.09
CA TYR C 104 56.36 -0.06 7.37
C TYR C 104 54.94 0.37 7.77
N ALA C 105 54.46 1.48 7.20
CA ALA C 105 53.10 1.94 7.45
C ALA C 105 52.08 0.81 7.37
N CYS C 106 52.24 -0.10 6.39
CA CYS C 106 51.33 -1.25 6.22
C CYS C 106 51.53 -2.36 7.26
N LEU C 107 52.55 -2.28 8.11
CA LEU C 107 52.81 -3.33 9.10
C LEU C 107 52.45 -2.95 10.53
N GLY C 108 52.63 -1.68 10.90
CA GLY C 108 52.39 -1.25 12.25
C GLY C 108 50.93 -0.91 12.47
N GLN C 109 50.64 -0.53 13.71
CA GLN C 109 49.31 -0.10 14.07
C GLN C 109 48.89 1.10 13.21
N LEU C 110 47.61 1.15 12.87
CA LEU C 110 47.03 2.26 12.11
C LEU C 110 46.20 3.12 13.04
N ASP C 111 46.54 4.40 13.11
CA ASP C 111 45.72 5.33 13.84
C ASP C 111 44.62 5.80 12.88
N PRO C 112 43.36 5.41 13.10
CA PRO C 112 42.31 5.72 12.13
C PRO C 112 41.69 7.10 12.26
N ALA C 113 42.22 7.98 13.11
CA ALA C 113 41.55 9.25 13.40
C ALA C 113 42.56 10.39 13.37
N LYS C 114 43.24 10.54 12.23
CA LYS C 114 44.23 11.60 12.06
C LYS C 114 43.78 12.74 11.15
N HIS C 115 42.82 12.50 10.25
CA HIS C 115 42.36 13.52 9.31
C HIS C 115 40.84 13.54 9.30
N TRP C 116 40.27 14.70 9.01
CA TRP C 116 38.82 14.89 9.03
C TRP C 116 38.32 15.34 7.68
N ALA C 117 37.09 14.93 7.38
CA ALA C 117 36.41 15.30 6.15
C ALA C 117 34.92 15.04 6.35
N PRO C 118 34.06 15.70 5.57
CA PRO C 118 32.63 15.34 5.64
C PRO C 118 32.35 13.94 5.11
N ARG C 119 33.06 13.53 4.07
CA ARG C 119 33.01 12.18 3.51
C ARG C 119 34.39 11.89 2.93
N LYS C 120 34.70 10.60 2.78
CA LYS C 120 35.97 10.19 2.19
C LYS C 120 35.75 8.84 1.53
N GLU C 121 36.20 8.70 0.28
CA GLU C 121 36.17 7.42 -0.41
C GLU C 121 37.61 6.99 -0.67
N LEU C 122 37.86 5.68 -0.69
CA LEU C 122 39.22 5.19 -0.90
C LEU C 122 39.47 4.91 -2.37
N VAL C 123 40.75 4.89 -2.72
CA VAL C 123 41.20 4.45 -4.02
C VAL C 123 41.88 3.10 -3.81
N ARG C 124 41.49 2.11 -4.61
CA ARG C 124 42.09 0.78 -4.54
C ARG C 124 43.37 0.74 -5.36
N ARG C 125 44.52 0.58 -4.71
CA ARG C 125 45.79 0.55 -5.42
C ARG C 125 46.65 -0.57 -4.83
N ASP C 126 47.27 -1.38 -5.68
CA ASP C 126 48.19 -2.39 -5.12
C ASP C 126 49.48 -2.49 -5.95
N ALA C 127 50.06 -1.35 -6.30
CA ALA C 127 51.27 -1.32 -7.12
C ALA C 127 52.45 -2.00 -6.41
N ASN C 128 53.37 -2.53 -7.20
CA ASN C 128 54.48 -3.32 -6.70
C ASN C 128 55.67 -3.19 -7.65
N TRP C 129 55.99 -1.97 -8.05
CA TRP C 129 56.86 -1.73 -9.19
C TRP C 129 58.34 -1.57 -8.83
N LYS C 130 58.70 -1.68 -7.57
CA LYS C 130 60.06 -1.38 -7.10
C LYS C 130 60.77 -2.68 -6.75
N PHE C 131 61.61 -3.15 -7.68
CA PHE C 131 62.28 -4.44 -7.54
C PHE C 131 63.24 -4.47 -6.36
N ALA C 132 63.21 -5.60 -5.64
CA ALA C 132 63.96 -5.86 -4.40
C ALA C 132 63.42 -5.09 -3.21
N TYR C 133 62.20 -4.53 -3.31
CA TYR C 133 61.64 -3.71 -2.24
C TYR C 133 60.19 -4.11 -1.94
N HIS C 134 59.79 -3.82 -0.71
CA HIS C 134 58.38 -3.84 -0.36
C HIS C 134 57.74 -2.54 -0.78
N MET C 135 56.44 -2.61 -1.12
CA MET C 135 55.67 -1.43 -1.49
C MET C 135 54.33 -1.44 -0.76
N CYS C 136 53.96 -0.28 -0.22
CA CYS C 136 52.81 -0.12 0.65
C CYS C 136 51.85 0.92 0.06
N ASN C 137 50.58 0.55 -0.06
CA ASN C 137 49.52 1.52 -0.33
C ASN C 137 48.48 1.39 0.75
N ILE C 138 48.05 2.53 1.27
CA ILE C 138 46.95 2.60 2.24
C ILE C 138 46.06 3.75 1.82
N ASP C 139 44.75 3.54 1.91
CA ASP C 139 43.79 4.61 1.72
C ASP C 139 42.58 4.27 2.55
N TRP C 140 41.73 5.28 2.79
CA TRP C 140 40.66 5.21 3.77
C TRP C 140 39.34 5.64 3.15
N ARG C 141 38.23 5.08 3.66
CA ARG C 141 36.90 5.61 3.45
C ARG C 141 36.23 5.77 4.79
N CYS C 142 35.33 6.76 4.88
CA CYS C 142 34.53 6.94 6.09
C CYS C 142 33.33 7.78 5.70
N GLY C 143 32.31 7.72 6.54
CA GLY C 143 31.15 8.58 6.36
C GLY C 143 30.25 8.40 7.56
N VAL C 144 29.29 9.33 7.68
CA VAL C 144 28.39 9.36 8.83
C VAL C 144 27.06 9.94 8.38
N THR C 145 26.00 9.43 8.96
CA THR C 145 24.68 10.00 8.80
C THR C 145 24.04 10.16 10.17
N THR C 146 23.19 11.17 10.29
CA THR C 146 22.33 11.35 11.44
C THR C 146 20.93 11.59 10.89
N SER C 147 20.02 10.67 11.12
CA SER C 147 18.75 10.66 10.44
C SER C 147 17.66 10.24 11.41
N PRO C 148 16.48 10.83 11.30
CA PRO C 148 15.35 10.38 12.13
C PRO C 148 14.76 9.09 11.58
N VAL C 149 14.37 8.19 12.48
CA VAL C 149 13.76 6.93 12.07
C VAL C 149 12.55 6.68 12.95
N PHE C 150 11.49 6.11 12.37
CA PHE C 150 10.32 5.90 13.21
C PHE C 150 10.52 4.67 14.09
N PHE C 151 9.60 4.49 15.03
CA PHE C 151 9.76 3.42 16.00
C PHE C 151 8.38 3.02 16.50
N ASN C 152 8.31 1.93 17.27
CA ASN C 152 7.08 1.55 17.95
C ASN C 152 7.31 1.62 19.46
N LEU C 153 6.22 1.68 20.22
CA LEU C 153 6.27 1.36 21.64
C LEU C 153 5.74 -0.05 21.85
N GLN C 154 6.13 -0.64 22.97
CA GLN C 154 5.90 -2.07 23.18
C GLN C 154 5.92 -2.38 24.67
N TRP C 155 4.91 -3.14 25.11
CA TRP C 155 4.92 -3.74 26.44
C TRP C 155 5.98 -4.84 26.50
N VAL C 156 6.92 -4.71 27.42
CA VAL C 156 7.84 -5.79 27.78
C VAL C 156 7.65 -6.06 29.27
N LYS C 157 7.09 -7.24 29.59
CA LYS C 157 6.76 -7.64 30.96
C LYS C 157 6.35 -6.46 31.83
N ASN C 158 5.25 -5.79 31.46
CA ASN C 158 4.58 -4.78 32.27
C ASN C 158 5.35 -3.46 32.38
N GLU C 159 6.19 -3.13 31.41
CA GLU C 159 6.75 -1.79 31.32
C GLU C 159 6.84 -1.38 29.85
N VAL C 160 6.63 -0.10 29.60
CA VAL C 160 6.57 0.42 28.23
C VAL C 160 7.98 0.70 27.74
N LYS C 161 8.37 0.04 26.66
CA LYS C 161 9.69 0.23 26.07
C LYS C 161 9.60 0.83 24.67
N VAL C 162 10.69 1.49 24.26
CA VAL C 162 10.87 1.88 22.86
C VAL C 162 11.28 0.65 22.07
N SER C 163 10.63 0.43 20.94
CA SER C 163 10.96 -0.68 20.05
C SER C 163 11.63 -0.11 18.81
N THR C 164 12.96 -0.19 18.76
CA THR C 164 13.74 0.22 17.59
C THR C 164 13.59 -0.83 16.50
N LEU C 165 13.23 -0.38 15.29
CA LEU C 165 12.92 -1.23 14.15
C LEU C 165 14.16 -1.38 13.29
N LEU C 166 14.62 -2.63 13.08
CA LEU C 166 15.80 -2.82 12.26
C LEU C 166 15.41 -3.25 10.85
N PRO C 167 16.22 -2.90 9.86
CA PRO C 167 15.83 -3.18 8.46
C PRO C 167 15.64 -4.66 8.13
N ASN C 168 16.18 -5.60 8.94
CA ASN C 168 15.93 -6.99 8.63
C ASN C 168 14.67 -7.53 9.29
N GLY C 169 13.87 -6.68 9.94
CA GLY C 169 12.63 -7.10 10.54
C GLY C 169 12.72 -7.46 12.01
N SER C 170 13.92 -7.46 12.58
CA SER C 170 14.08 -7.62 14.01
C SER C 170 13.89 -6.27 14.70
N THR C 171 13.65 -6.33 15.99
CA THR C 171 13.44 -5.15 16.81
C THR C 171 14.26 -5.28 18.07
N VAL C 172 14.66 -4.15 18.65
CA VAL C 172 15.37 -4.11 19.92
C VAL C 172 14.58 -3.23 20.87
N GLU C 173 14.10 -3.83 21.97
CA GLU C 173 13.38 -3.10 23.00
C GLU C 173 14.34 -2.48 24.00
N HIS C 174 14.05 -1.24 24.38
CA HIS C 174 14.89 -0.53 25.33
C HIS C 174 14.06 0.58 25.93
N SER C 175 14.54 1.10 27.06
CA SER C 175 13.90 2.22 27.67
C SER C 175 14.34 3.50 26.98
N ALA C 176 13.45 4.50 26.99
CA ALA C 176 13.75 5.76 26.33
C ALA C 176 15.01 6.41 26.88
N GLY C 177 15.43 6.01 28.08
CA GLY C 177 16.65 6.56 28.65
C GLY C 177 17.94 5.88 28.21
N GLU C 178 17.88 4.65 27.68
CA GLU C 178 19.09 3.91 27.33
C GLU C 178 19.33 3.91 25.82
N PRO C 179 20.28 4.69 25.33
CA PRO C 179 20.62 4.62 23.89
C PRO C 179 21.10 3.23 23.50
N LEU C 180 20.90 2.91 22.22
CA LEU C 180 21.43 1.69 21.63
C LEU C 180 22.75 1.96 20.94
N PHE C 181 23.73 1.10 21.13
CA PHE C 181 24.97 1.20 20.38
C PHE C 181 25.47 -0.18 20.03
N TRP C 182 25.83 -0.38 18.77
CA TRP C 182 26.44 -1.65 18.38
C TRP C 182 27.32 -1.43 17.17
N THR C 183 28.21 -2.40 16.94
CA THR C 183 29.16 -2.36 15.86
C THR C 183 28.97 -3.62 15.01
N GLU C 184 29.05 -3.43 13.69
CA GLU C 184 28.91 -4.55 12.74
C GLU C 184 29.81 -4.24 11.55
N LYS C 185 30.93 -4.96 11.43
CA LYS C 185 31.85 -4.87 10.29
C LYS C 185 32.40 -3.45 10.22
N ASP C 186 32.17 -2.70 9.16
CA ASP C 186 32.70 -1.36 9.01
C ASP C 186 31.87 -0.29 9.71
N PHE C 187 30.67 -0.62 10.18
CA PHE C 187 29.69 0.32 10.69
C PHE C 187 29.56 0.27 12.20
N SER C 188 29.37 1.43 12.82
CA SER C 188 28.80 1.52 14.15
C SER C 188 27.51 2.32 14.06
N TYR C 189 26.58 2.01 14.96
CA TYR C 189 25.23 2.55 14.98
C TYR C 189 24.90 3.04 16.38
N LEU C 190 24.35 4.26 16.48
CA LEU C 190 23.90 4.81 17.74
C LEU C 190 22.46 5.30 17.57
N VAL C 191 21.55 4.74 18.34
CA VAL C 191 20.14 5.13 18.31
C VAL C 191 19.81 5.83 19.62
N LYS C 192 19.41 7.08 19.51
CA LYS C 192 19.17 7.94 20.66
C LYS C 192 17.71 8.41 20.65
N ASP C 193 17.10 8.45 21.84
CA ASP C 193 15.73 8.92 22.03
C ASP C 193 15.81 10.32 22.65
N ASN C 194 15.61 11.34 21.84
CA ASN C 194 15.48 12.70 22.36
C ASN C 194 14.02 13.01 22.68
N PHE C 195 13.44 12.16 23.53
CA PHE C 195 12.04 12.29 23.92
C PHE C 195 11.82 11.49 25.20
N GLU C 196 10.65 11.70 25.82
CA GLU C 196 10.26 10.92 26.99
C GLU C 196 8.88 10.32 26.74
N ILE C 197 8.59 9.27 27.50
CA ILE C 197 7.30 8.60 27.45
C ILE C 197 6.40 9.22 28.52
N GLN C 198 5.28 9.79 28.09
CA GLN C 198 4.30 10.38 28.99
C GLN C 198 3.11 9.45 29.14
N ARG C 199 2.54 9.41 30.34
CA ARG C 199 1.34 8.62 30.58
C ARG C 199 0.16 9.54 30.88
N GLU C 200 -1.03 9.08 30.47
CA GLU C 200 -2.26 9.83 30.63
C GLU C 200 -3.37 8.85 30.89
N GLU C 201 -4.29 9.22 31.78
CA GLU C 201 -5.57 8.52 31.87
C GLU C 201 -6.49 9.12 30.81
N VAL C 202 -7.03 8.26 29.94
CA VAL C 202 -7.84 8.72 28.83
C VAL C 202 -9.09 7.84 28.72
N LYS C 203 -10.05 8.34 27.94
CA LYS C 203 -11.23 7.58 27.57
C LYS C 203 -11.16 7.30 26.08
N ILE C 204 -11.28 6.03 25.70
CA ILE C 204 -11.17 5.61 24.31
C ILE C 204 -12.52 5.10 23.83
N SER C 205 -12.97 5.59 22.68
CA SER C 205 -14.22 5.11 22.10
C SER C 205 -13.96 3.87 21.26
N CYS C 206 -14.72 2.82 21.52
CA CYS C 206 -14.60 1.57 20.79
C CYS C 206 -15.99 1.07 20.40
N PHE C 207 -16.05 0.36 19.29
CA PHE C 207 -17.22 -0.41 18.91
C PHE C 207 -16.94 -1.88 19.23
N VAL C 208 -17.69 -2.43 20.17
CA VAL C 208 -17.59 -3.82 20.58
C VAL C 208 -18.70 -4.60 19.90
N ASP C 209 -18.34 -5.64 19.18
CA ASP C 209 -19.28 -6.44 18.40
C ASP C 209 -19.16 -7.88 18.90
N PRO C 210 -20.05 -8.32 19.80
CA PRO C 210 -19.99 -9.72 20.26
C PRO C 210 -20.34 -10.74 19.19
N ASP C 211 -20.78 -10.30 18.01
CA ASP C 211 -21.20 -11.24 16.97
C ASP C 211 -20.26 -11.23 15.77
N TYR C 212 -18.96 -11.34 16.02
CA TYR C 212 -18.02 -11.81 15.02
C TYR C 212 -17.88 -13.30 15.36
N TRP C 213 -17.41 -14.16 14.46
CA TRP C 213 -16.98 -13.85 13.10
C TRP C 213 -18.14 -13.51 12.18
N LYS C 220 -16.22 -9.67 21.97
CA LYS C 220 -15.55 -10.65 21.12
C LYS C 220 -14.61 -9.98 20.10
N LYS C 221 -14.96 -8.76 19.68
CA LYS C 221 -14.09 -7.98 18.81
C LYS C 221 -14.36 -6.49 19.03
N ALA C 222 -13.33 -5.76 19.47
CA ALA C 222 -13.43 -4.34 19.74
C ALA C 222 -12.56 -3.57 18.77
N PHE C 223 -13.12 -2.53 18.17
CA PHE C 223 -12.39 -1.63 17.28
C PHE C 223 -12.39 -0.25 17.90
N CYS C 224 -11.23 0.38 17.97
CA CYS C 224 -11.12 1.65 18.68
C CYS C 224 -10.46 2.73 17.84
N GLN C 225 -10.70 3.95 18.26
CA GLN C 225 -10.10 5.14 17.66
C GLN C 225 -9.47 5.95 18.77
N ASP C 226 -8.27 6.44 18.51
CA ASP C 226 -7.62 7.45 19.36
C ASP C 226 -7.00 8.48 18.41
N GLY C 227 -7.70 9.59 18.22
CA GLY C 227 -7.28 10.60 17.26
C GLY C 227 -7.24 10.03 15.85
N THR C 228 -6.06 10.07 15.21
CA THR C 228 -5.87 9.56 13.87
C THR C 228 -5.40 8.10 13.85
N ASN C 229 -5.39 7.45 15.00
CA ASN C 229 -4.95 6.07 15.12
C ASN C 229 -6.13 5.15 15.37
N PHE C 230 -6.19 4.08 14.59
CA PHE C 230 -7.27 3.11 14.65
C PHE C 230 -6.67 1.73 14.83
N PHE C 231 -7.29 0.91 15.67
CA PHE C 231 -6.75 -0.40 15.96
C PHE C 231 -7.84 -1.29 16.55
N GLU C 232 -7.63 -2.58 16.43
CA GLU C 232 -8.47 -3.59 17.08
C GLU C 232 -7.83 -3.97 18.40
N VAL C 233 -8.52 -3.74 19.51
CA VAL C 233 -7.96 -4.13 20.80
C VAL C 233 -8.15 -5.63 20.97
N THR C 234 -7.03 -6.36 21.11
CA THR C 234 -7.02 -7.81 21.23
C THR C 234 -6.76 -8.30 22.64
N SER C 235 -6.28 -7.44 23.53
CA SER C 235 -6.02 -7.80 24.92
C SER C 235 -6.02 -6.51 25.73
N HIS C 236 -5.99 -6.65 27.05
N HIS C 236 -6.01 -6.67 27.05
CA HIS C 236 -6.09 -5.47 27.89
CA HIS C 236 -6.07 -5.52 27.95
C HIS C 236 -4.79 -4.67 27.90
C HIS C 236 -4.81 -4.67 27.85
N GLN C 237 -3.66 -5.31 27.66
CA GLN C 237 -2.38 -4.63 27.46
C GLN C 237 -2.09 -4.64 25.97
N PHE C 238 -1.95 -3.46 25.38
CA PHE C 238 -2.02 -3.34 23.93
C PHE C 238 -1.15 -2.19 23.46
N CYS C 239 -0.52 -2.34 22.29
CA CYS C 239 0.23 -1.25 21.68
C CYS C 239 -0.12 -1.12 20.21
N HIS C 240 -0.03 0.10 19.72
CA HIS C 240 -0.19 0.36 18.29
C HIS C 240 0.78 1.48 17.96
N GLN C 241 1.78 1.19 17.12
CA GLN C 241 2.76 2.19 16.72
C GLN C 241 3.36 2.94 17.90
N TYR C 242 3.13 4.25 18.01
CA TYR C 242 3.78 5.05 19.06
C TYR C 242 3.02 5.05 20.37
N ALA C 243 1.99 4.23 20.54
CA ALA C 243 1.16 4.28 21.74
C ALA C 243 0.97 2.89 22.33
N CYS C 244 1.10 2.80 23.66
CA CYS C 244 0.69 1.60 24.39
C CYS C 244 -0.49 1.92 25.31
N TYR C 245 -1.30 0.89 25.59
CA TYR C 245 -2.49 1.03 26.41
C TYR C 245 -2.62 -0.13 27.38
N ASN C 246 -3.18 0.16 28.57
CA ASN C 246 -3.76 -0.84 29.46
C ASN C 246 -5.22 -0.46 29.70
N PHE C 247 -6.14 -1.31 29.23
CA PHE C 247 -7.56 -1.12 29.50
C PHE C 247 -7.95 -1.82 30.80
N SER C 248 -9.21 -1.61 31.22
CA SER C 248 -9.63 -2.10 32.53
C SER C 248 -10.73 -3.15 32.46
N LYS C 249 -11.97 -2.71 32.32
CA LYS C 249 -13.12 -3.61 32.30
C LYS C 249 -14.32 -2.97 31.59
N LYS C 266 -0.16 -15.87 5.72
CA LYS C 266 0.06 -14.44 5.77
C LYS C 266 1.47 -14.12 6.25
N ASP C 267 1.89 -14.80 7.33
CA ASP C 267 3.10 -14.42 8.08
C ASP C 267 4.36 -15.18 7.67
N LEU C 268 4.26 -16.50 7.50
CA LEU C 268 5.43 -17.39 7.45
CA LEU C 268 5.46 -17.33 7.48
C LEU C 268 6.25 -17.28 6.17
N PRO C 269 5.72 -16.78 5.04
CA PRO C 269 6.65 -16.44 3.94
C PRO C 269 7.73 -15.44 4.34
N PHE C 270 7.51 -14.65 5.39
CA PHE C 270 8.43 -13.59 5.79
C PHE C 270 9.06 -13.85 7.16
N GLY C 271 9.08 -15.09 7.62
CA GLY C 271 9.58 -15.31 8.97
C GLY C 271 8.66 -14.64 9.97
N ASN C 272 9.24 -14.26 11.11
CA ASN C 272 8.53 -13.40 12.06
C ASN C 272 8.98 -11.95 11.92
N LYS C 273 9.28 -11.52 10.69
CA LYS C 273 9.72 -10.16 10.45
C LYS C 273 8.60 -9.18 10.83
N SER C 274 8.98 -8.06 11.42
CA SER C 274 8.08 -6.93 11.61
C SER C 274 7.42 -6.55 10.28
N TRP C 275 6.12 -6.23 10.33
CA TRP C 275 5.44 -5.83 9.10
C TRP C 275 5.96 -4.50 8.56
N THR C 276 6.70 -3.74 9.38
CA THR C 276 7.26 -2.46 8.96
C THR C 276 8.39 -2.61 7.93
N VAL C 277 8.83 -3.84 7.64
CA VAL C 277 9.86 -4.08 6.64
C VAL C 277 9.35 -4.88 5.46
N VAL C 278 8.10 -5.34 5.49
CA VAL C 278 7.53 -6.07 4.36
C VAL C 278 6.85 -5.08 3.41
N THR C 279 7.23 -5.15 2.14
CA THR C 279 6.71 -4.24 1.12
C THR C 279 5.31 -4.62 0.66
N ALA C 280 4.36 -3.69 0.73
CA ALA C 280 3.05 -3.94 0.14
C ALA C 280 3.14 -3.93 -1.38
N SER C 281 2.35 -4.80 -2.03
CA SER C 281 2.24 -4.81 -3.48
C SER C 281 1.00 -4.05 -3.95
N ILE C 282 0.98 -3.73 -5.25
CA ILE C 282 -0.23 -3.22 -5.87
C ILE C 282 -1.35 -4.24 -5.73
N ASP C 283 -1.03 -5.53 -5.84
CA ASP C 283 -2.03 -6.56 -5.66
C ASP C 283 -2.71 -6.46 -4.29
N ASP C 284 -1.93 -6.19 -3.23
CA ASP C 284 -2.52 -5.98 -1.92
C ASP C 284 -3.43 -4.75 -1.91
N LEU C 285 -3.03 -3.68 -2.59
CA LEU C 285 -3.87 -2.48 -2.63
C LEU C 285 -5.16 -2.76 -3.37
N HIS C 286 -5.08 -3.47 -4.50
CA HIS C 286 -6.28 -3.88 -5.21
C HIS C 286 -7.21 -4.66 -4.30
N ALA C 287 -6.66 -5.60 -3.51
CA ALA C 287 -7.47 -6.39 -2.59
C ALA C 287 -8.17 -5.50 -1.56
N LEU C 288 -7.45 -4.52 -1.01
CA LEU C 288 -8.06 -3.65 -0.02
C LEU C 288 -9.12 -2.76 -0.68
N SER C 289 -8.81 -2.29 -1.89
CA SER C 289 -9.71 -1.46 -2.65
C SER C 289 -11.02 -2.20 -2.96
N ALA C 290 -10.96 -3.51 -3.25
CA ALA C 290 -12.17 -4.22 -3.61
C ALA C 290 -13.08 -4.43 -2.41
N ALA C 291 -12.52 -4.59 -1.21
CA ALA C 291 -13.33 -4.63 0.00
C ALA C 291 -14.04 -3.31 0.20
N GLN C 292 -13.32 -2.21 -0.01
CA GLN C 292 -13.93 -0.88 0.05
C GLN C 292 -15.09 -0.77 -0.94
N ALA C 293 -14.85 -1.21 -2.18
CA ALA C 293 -15.88 -1.11 -3.21
C ALA C 293 -17.12 -1.89 -2.81
N PHE C 294 -16.93 -3.11 -2.30
CA PHE C 294 -18.07 -3.93 -1.92
C PHE C 294 -18.87 -3.25 -0.82
N GLU C 295 -18.18 -2.75 0.21
CA GLU C 295 -18.87 -2.11 1.31
C GLU C 295 -19.62 -0.86 0.85
N LEU C 296 -18.98 -0.03 0.02
CA LEU C 296 -19.64 1.20 -0.44
C LEU C 296 -20.87 0.90 -1.29
N GLU C 297 -20.84 -0.18 -2.08
CA GLU C 297 -22.01 -0.54 -2.89
C GLU C 297 -23.12 -1.09 -2.01
N GLY C 298 -22.78 -1.85 -0.98
CA GLY C 298 -23.78 -2.29 -0.04
C GLY C 298 -24.45 -1.12 0.67
N LEU C 299 -23.65 -0.15 1.11
CA LEU C 299 -24.19 1.06 1.72
C LEU C 299 -25.11 1.78 0.74
N ARG C 300 -24.72 1.84 -0.53
CA ARG C 300 -25.57 2.39 -1.57
C ARG C 300 -26.94 1.69 -1.60
N ALA C 301 -26.93 0.36 -1.56
CA ALA C 301 -28.18 -0.40 -1.57
C ALA C 301 -28.99 -0.11 -0.31
N SER C 302 -28.30 0.04 0.82
CA SER C 302 -28.99 0.31 2.07
C SER C 302 -29.54 1.73 2.12
N PHE C 303 -28.80 2.69 1.55
CA PHE C 303 -29.33 4.05 1.42
C PHE C 303 -30.56 4.07 0.55
N ALA C 304 -30.59 3.26 -0.51
CA ALA C 304 -31.78 3.16 -1.33
C ALA C 304 -32.97 2.66 -0.53
N GLU C 305 -32.75 1.66 0.34
CA GLU C 305 -33.86 1.17 1.16
C GLU C 305 -34.31 2.22 2.18
N LEU C 306 -33.36 2.91 2.82
CA LEU C 306 -33.74 4.02 3.69
C LEU C 306 -34.59 5.06 2.95
N ASP C 307 -34.16 5.45 1.75
CA ASP C 307 -34.99 6.38 0.98
C ASP C 307 -36.37 5.80 0.73
N SER C 308 -36.46 4.50 0.46
CA SER C 308 -37.75 3.87 0.21
C SER C 308 -38.66 3.96 1.44
N ARG C 309 -38.08 3.80 2.63
CA ARG C 309 -38.86 3.85 3.86
C ARG C 309 -39.43 5.25 4.11
N PHE C 310 -38.66 6.30 3.80
CA PHE C 310 -39.18 7.66 3.95
C PHE C 310 -40.22 7.97 2.90
N ARG C 311 -40.08 7.40 1.69
CA ARG C 311 -41.16 7.49 0.72
C ARG C 311 -42.44 6.85 1.25
N GLN C 312 -42.31 5.63 1.81
CA GLN C 312 -43.48 4.92 2.34
C GLN C 312 -44.10 5.68 3.50
N LEU C 313 -43.28 6.20 4.41
CA LEU C 313 -43.81 6.93 5.56
C LEU C 313 -44.51 8.21 5.13
N SER C 314 -44.03 8.87 4.07
CA SER C 314 -44.71 10.06 3.59
C SER C 314 -46.06 9.72 2.97
N GLU C 315 -46.19 8.53 2.38
CA GLU C 315 -47.48 8.11 1.82
C GLU C 315 -48.46 7.79 2.93
N ILE C 316 -48.02 7.03 3.93
CA ILE C 316 -48.84 6.74 5.09
C ILE C 316 -49.26 8.02 5.79
N LEU C 317 -48.28 8.89 6.08
CA LEU C 317 -48.60 10.12 6.80
C LEU C 317 -49.56 11.01 6.01
N ASP C 318 -49.33 11.19 4.72
CA ASP C 318 -50.22 12.03 3.93
C ASP C 318 -51.67 11.52 4.00
N THR C 319 -51.84 10.19 4.03
CA THR C 319 -53.17 9.60 4.10
C THR C 319 -53.77 9.80 5.49
N VAL C 320 -52.97 9.56 6.52
CA VAL C 320 -53.42 9.81 7.90
C VAL C 320 -53.79 11.27 8.07
N ILE C 321 -52.93 12.18 7.62
CA ILE C 321 -53.19 13.60 7.76
C ILE C 321 -54.47 14.00 7.03
N SER C 322 -54.68 13.47 5.82
CA SER C 322 -55.90 13.77 5.07
C SER C 322 -57.14 13.35 5.85
N SER C 323 -57.05 12.28 6.61
CA SER C 323 -58.16 11.79 7.40
C SER C 323 -58.45 12.74 8.55
N ILE C 324 -57.45 13.05 9.38
CA ILE C 324 -57.65 13.95 10.52
C ILE C 324 -58.00 15.35 10.04
N ALA C 325 -57.38 15.81 8.94
CA ALA C 325 -57.56 17.20 8.53
C ALA C 325 -59.00 17.50 8.21
N LYS C 326 -59.77 16.49 7.77
CA LYS C 326 -61.18 16.69 7.47
C LYS C 326 -61.98 16.98 8.73
N ILE C 327 -61.51 16.48 9.88
CA ILE C 327 -62.12 16.84 11.16
C ILE C 327 -61.57 18.16 11.68
N ASP C 328 -60.23 18.29 11.70
CA ASP C 328 -59.52 19.45 12.25
C ASP C 328 -59.02 20.31 11.10
N GLU C 329 -59.78 21.35 10.78
CA GLU C 329 -59.49 22.22 9.64
C GLU C 329 -58.31 23.15 9.88
N ARG C 330 -57.73 23.17 11.07
CA ARG C 330 -56.54 23.96 11.36
C ARG C 330 -55.25 23.15 11.26
N LEU C 331 -55.34 21.84 11.11
CA LEU C 331 -54.17 20.99 11.17
C LEU C 331 -53.20 21.30 10.03
N ILE C 332 -53.72 21.35 8.80
CA ILE C 332 -52.85 21.57 7.65
C ILE C 332 -52.12 22.90 7.79
N GLY C 333 -52.83 23.95 8.19
CA GLY C 333 -52.16 25.23 8.43
C GLY C 333 -51.09 25.17 9.50
N ARG C 334 -51.35 24.46 10.60
CA ARG C 334 -50.30 24.33 11.62
C ARG C 334 -49.11 23.52 11.13
N LEU C 335 -49.31 22.56 10.21
CA LEU C 335 -48.20 21.76 9.72
C LEU C 335 -47.30 22.57 8.80
N ILE C 336 -47.88 23.43 7.96
CA ILE C 336 -47.05 24.23 7.06
C ILE C 336 -46.78 25.62 7.61
N LYS C 337 -47.25 25.93 8.82
CA LYS C 337 -47.09 27.24 9.45
C LYS C 337 -47.58 28.35 8.52
N ALA C 338 -48.76 28.12 7.94
CA ALA C 338 -49.42 29.11 7.13
C ALA C 338 -50.74 29.48 7.79
N PRO C 339 -51.15 30.74 7.74
CA PRO C 339 -52.37 31.18 8.41
C PRO C 339 -53.63 30.84 7.62
N VAL C 340 -53.94 29.55 7.52
CA VAL C 340 -55.04 29.09 6.69
C VAL C 340 -55.76 27.97 7.42
N SER C 341 -57.07 27.90 7.23
CA SER C 341 -57.87 26.72 7.50
C SER C 341 -58.19 26.03 6.17
N SER C 342 -58.50 24.76 6.23
CA SER C 342 -58.68 23.98 5.01
C SER C 342 -60.12 23.55 4.84
N ARG C 343 -60.48 23.23 3.60
CA ARG C 343 -61.77 22.63 3.28
C ARG C 343 -61.57 21.61 2.17
N PHE C 344 -61.87 20.34 2.42
CA PHE C 344 -61.67 19.32 1.41
C PHE C 344 -62.80 19.31 0.39
N ILE C 345 -62.42 19.18 -0.87
CA ILE C 345 -63.37 18.97 -1.97
C ILE C 345 -63.33 17.56 -2.53
N SER C 346 -62.38 16.74 -2.08
CA SER C 346 -62.31 15.32 -2.37
C SER C 346 -61.52 14.65 -1.25
N GLU C 347 -61.26 13.37 -1.42
CA GLU C 347 -60.46 12.61 -0.45
C GLU C 347 -59.11 13.28 -0.17
N ASP C 348 -58.49 13.82 -1.21
CA ASP C 348 -57.14 14.32 -1.09
CA ASP C 348 -57.11 14.30 -1.20
C ASP C 348 -56.97 15.79 -1.40
N LYS C 349 -57.89 16.40 -2.16
CA LYS C 349 -57.78 17.79 -2.56
C LYS C 349 -58.50 18.68 -1.56
N PHE C 350 -57.88 19.81 -1.22
CA PHE C 350 -58.48 20.74 -0.28
C PHE C 350 -58.18 22.16 -0.72
N LEU C 351 -59.13 23.05 -0.42
CA LEU C 351 -58.96 24.48 -0.55
C LEU C 351 -58.39 25.01 0.77
N LEU C 352 -57.76 26.18 0.70
CA LEU C 352 -57.26 26.85 1.88
C LEU C 352 -57.92 28.23 1.94
N HIS C 353 -58.48 28.56 3.11
CA HIS C 353 -59.15 29.83 3.38
C HIS C 353 -58.36 30.63 4.40
N GLN C 354 -58.44 31.95 4.28
CA GLN C 354 -58.15 32.73 5.49
C GLN C 354 -59.46 33.31 6.02
N CYS C 355 -60.44 32.43 6.27
CA CYS C 355 -61.81 32.83 6.60
C CYS C 355 -62.47 31.85 7.58
N GLU C 391 -43.15 26.78 31.96
CA GLU C 391 -42.59 25.86 30.99
C GLU C 391 -42.94 24.42 31.33
N PRO C 392 -43.60 23.72 30.41
CA PRO C 392 -44.14 22.40 30.71
C PRO C 392 -43.05 21.33 30.78
N ILE C 393 -43.46 20.12 31.15
CA ILE C 393 -42.56 18.99 31.29
C ILE C 393 -42.55 18.17 30.00
N GLY C 394 -41.37 18.00 29.42
CA GLY C 394 -41.28 17.26 28.17
C GLY C 394 -41.55 15.77 28.36
N ILE C 395 -42.23 15.19 27.37
CA ILE C 395 -42.48 13.76 27.30
C ILE C 395 -41.91 13.28 25.97
N ASP C 396 -40.92 12.38 26.03
CA ASP C 396 -40.30 11.82 24.85
C ASP C 396 -41.03 10.53 24.48
N ILE C 397 -41.68 10.50 23.32
CA ILE C 397 -42.26 9.26 22.84
C ILE C 397 -41.37 8.60 21.80
N TYR C 398 -40.31 9.25 21.37
CA TYR C 398 -39.45 8.70 20.33
C TYR C 398 -38.30 7.90 20.92
N ASN C 399 -37.66 8.41 21.97
CA ASN C 399 -36.56 7.70 22.63
C ASN C 399 -35.46 7.36 21.63
N PHE C 400 -35.13 8.30 20.75
CA PHE C 400 -34.05 8.07 19.79
C PHE C 400 -32.70 8.20 20.49
N SER C 401 -31.76 7.33 20.12
CA SER C 401 -30.39 7.42 20.59
C SER C 401 -29.55 8.19 19.59
N ALA C 402 -28.59 8.96 20.11
CA ALA C 402 -27.73 9.77 19.25
C ALA C 402 -27.01 8.91 18.23
N LEU C 403 -26.97 9.39 16.99
CA LEU C 403 -26.29 8.68 15.93
C LEU C 403 -24.80 8.87 16.05
N TRP C 404 -24.04 7.82 15.77
CA TRP C 404 -22.63 8.00 15.57
C TRP C 404 -22.40 8.41 14.11
N TYR C 405 -21.62 9.46 13.91
CA TYR C 405 -21.35 9.95 12.55
C TYR C 405 -19.96 9.53 12.09
N PRO C 406 -19.79 9.05 10.86
CA PRO C 406 -18.45 8.81 10.34
C PRO C 406 -17.77 10.12 9.99
N SER C 407 -16.47 10.00 9.71
CA SER C 407 -15.59 11.14 9.50
C SER C 407 -14.32 10.63 8.83
N ALA C 408 -13.62 11.52 8.15
CA ALA C 408 -12.40 11.16 7.44
C ALA C 408 -11.34 10.66 8.41
N ALA C 409 -10.76 9.49 8.13
CA ALA C 409 -9.88 8.86 9.11
C ALA C 409 -8.53 9.57 9.24
N GLU C 410 -7.83 9.79 8.12
CA GLU C 410 -6.56 10.56 8.08
C GLU C 410 -5.39 9.81 8.74
N VAL C 411 -5.18 8.56 8.34
CA VAL C 411 -4.10 7.75 8.90
C VAL C 411 -2.75 8.21 8.35
N ASP C 412 -1.77 8.39 9.24
CA ASP C 412 -0.40 8.65 8.84
C ASP C 412 0.29 7.36 8.42
N PHE C 413 1.02 7.42 7.32
CA PHE C 413 1.79 6.28 6.84
C PHE C 413 3.27 6.54 7.03
N ARG C 414 4.02 5.47 7.28
CA ARG C 414 5.43 5.60 7.64
C ARG C 414 6.40 5.06 6.59
N GLY C 415 5.97 4.13 5.74
CA GLY C 415 6.83 3.51 4.76
C GLY C 415 7.65 2.40 5.40
N THR C 416 8.33 1.62 4.56
CA THR C 416 9.21 0.58 5.10
C THR C 416 10.43 1.19 5.80
N VAL C 417 10.92 0.44 6.79
CA VAL C 417 12.15 0.84 7.49
C VAL C 417 13.30 1.02 6.51
N GLN C 418 13.39 0.14 5.49
CA GLN C 418 14.49 0.22 4.51
C GLN C 418 14.41 1.48 3.64
N SER C 419 13.23 2.10 3.52
CA SER C 419 13.09 3.33 2.78
C SER C 419 13.75 4.52 3.48
N GLU C 420 13.93 4.45 4.79
CA GLU C 420 14.43 5.59 5.55
C GLU C 420 15.86 5.91 5.15
N ASP C 421 16.15 7.21 5.00
CA ASP C 421 17.50 7.66 4.68
C ASP C 421 18.55 7.07 5.62
N GLY C 422 18.23 6.98 6.91
CA GLY C 422 19.22 6.50 7.86
C GLY C 422 19.70 5.11 7.53
N TRP C 423 18.77 4.22 7.18
CA TRP C 423 19.09 2.84 6.89
C TRP C 423 19.55 2.67 5.46
N SER C 424 18.98 3.42 4.50
CA SER C 424 19.46 3.31 3.13
C SER C 424 20.88 3.87 2.96
N PHE C 425 21.33 4.70 3.92
CA PHE C 425 22.73 5.15 3.94
C PHE C 425 23.69 3.98 4.03
N VAL C 426 23.31 2.95 4.78
CA VAL C 426 24.13 1.74 4.89
C VAL C 426 24.21 1.02 3.55
N VAL C 427 23.08 0.94 2.84
CA VAL C 427 23.07 0.29 1.53
C VAL C 427 23.89 1.09 0.53
N LYS C 428 23.77 2.42 0.55
CA LYS C 428 24.55 3.27 -0.33
C LYS C 428 26.04 3.14 -0.05
N SER C 429 26.42 3.01 1.22
CA SER C 429 27.82 2.81 1.54
C SER C 429 28.33 1.53 0.91
N LYS C 430 27.57 0.43 1.04
CA LYS C 430 27.94 -0.82 0.39
C LYS C 430 28.07 -0.67 -1.12
N ASP C 431 27.11 0.02 -1.76
CA ASP C 431 27.14 0.16 -3.21
C ASP C 431 28.32 1.00 -3.66
N ALA C 432 28.67 2.02 -2.89
CA ALA C 432 29.81 2.84 -3.27
C ALA C 432 31.13 2.07 -3.09
N LEU C 433 31.25 1.24 -2.05
CA LEU C 433 32.46 0.41 -1.92
C LEU C 433 32.62 -0.51 -3.13
N ILE C 434 31.53 -1.13 -3.60
CA ILE C 434 31.61 -2.01 -4.76
C ILE C 434 32.10 -1.24 -5.98
N GLN C 435 31.59 -0.03 -6.19
CA GLN C 435 32.04 0.74 -7.34
C GLN C 435 33.53 1.06 -7.28
N THR C 436 34.01 1.54 -6.12
CA THR C 436 35.41 1.96 -6.08
C THR C 436 36.34 0.76 -6.04
N MET C 437 35.85 -0.40 -5.60
CA MET C 437 36.69 -1.59 -5.56
C MET C 437 36.69 -2.35 -6.87
N MET C 438 35.91 -1.92 -7.86
CA MET C 438 35.64 -2.76 -9.02
C MET C 438 36.92 -3.14 -9.76
N TYR C 439 37.91 -2.25 -9.79
CA TYR C 439 39.20 -2.62 -10.36
C TYR C 439 40.28 -1.79 -9.71
N THR C 440 41.50 -2.32 -9.72
CA THR C 440 42.63 -1.66 -9.10
C THR C 440 43.07 -0.46 -9.94
N LYS C 441 43.46 0.62 -9.27
CA LYS C 441 43.86 1.88 -9.93
C LYS C 441 45.39 1.98 -9.89
N ASN C 442 46.04 1.26 -10.81
CA ASN C 442 47.43 0.90 -10.63
C ASN C 442 48.33 1.39 -11.77
N GLY C 443 49.53 0.83 -11.74
CA GLY C 443 50.28 0.47 -12.94
C GLY C 443 50.62 -0.99 -12.79
N GLY C 444 49.61 -1.87 -12.76
CA GLY C 444 49.82 -3.27 -12.45
C GLY C 444 49.37 -4.22 -13.56
C1 NAG D . 11.43 -14.38 -15.46
C2 NAG D . 12.04 -14.45 -16.86
C3 NAG D . 11.89 -15.84 -17.45
C4 NAG D . 12.49 -16.87 -16.49
C5 NAG D . 11.81 -16.73 -15.13
C6 NAG D . 12.37 -17.65 -14.08
C7 NAG D . 11.99 -12.21 -17.87
C8 NAG D . 11.27 -11.29 -18.80
N2 NAG D . 11.46 -13.44 -17.74
O3 NAG D . 12.51 -15.90 -18.72
O4 NAG D . 12.27 -18.20 -16.98
O5 NAG D . 11.98 -15.40 -14.64
O6 NAG D . 13.72 -17.33 -13.80
O7 NAG D . 13.01 -11.88 -17.27
C1 NAG D . 13.43 -19.06 -16.93
C2 NAG D . 12.93 -20.50 -17.12
C3 NAG D . 14.11 -21.48 -17.22
C4 NAG D . 15.16 -21.01 -18.21
C5 NAG D . 15.56 -19.57 -17.90
C6 NAG D . 16.55 -18.98 -18.89
C7 NAG D . 10.72 -20.82 -16.12
C8 NAG D . 9.96 -21.28 -14.93
N2 NAG D . 12.04 -20.87 -16.03
O3 NAG D . 13.59 -22.76 -17.60
O4 NAG D . 16.31 -21.83 -18.19
O5 NAG D . 14.38 -18.74 -17.93
O6 NAG D . 15.97 -18.71 -20.16
O7 NAG D . 10.16 -20.42 -17.13
C1 NAG E . 18.53 13.03 -8.01
C2 NAG E . 19.63 13.95 -7.47
C3 NAG E . 19.95 15.07 -8.48
C4 NAG E . 20.21 14.50 -9.87
C5 NAG E . 19.01 13.63 -10.27
C6 NAG E . 19.14 12.94 -11.60
C7 NAG E . 19.73 14.11 -5.03
C8 NAG E . 19.20 14.81 -3.81
N2 NAG E . 19.25 14.53 -6.19
O3 NAG E . 21.09 15.80 -8.03
O4 NAG E . 20.41 15.59 -10.77
O5 NAG E . 18.87 12.59 -9.30
O6 NAG E . 19.90 11.75 -11.47
O7 NAG E . 20.55 13.20 -4.95
C1 NAG E . 21.26 15.31 -11.93
C2 NAG E . 21.10 16.46 -12.94
C3 NAG E . 22.34 16.56 -13.81
C4 NAG E . 23.51 17.03 -12.96
C5 NAG E . 23.74 16.11 -11.77
C6 NAG E . 23.83 16.82 -10.44
C7 NAG E . 18.70 16.64 -13.40
C8 NAG E . 17.60 16.35 -14.37
N2 NAG E . 19.92 16.25 -13.76
O3 NAG E . 22.09 17.50 -14.85
O4 NAG E . 24.69 17.06 -13.75
O5 NAG E . 22.74 15.07 -11.63
O6 NAG E . 23.34 18.16 -10.52
O7 NAG E . 18.48 17.22 -12.33
C1 NAG F . -7.11 31.27 -11.05
C2 NAG F . -6.07 32.05 -11.87
C3 NAG F . -6.12 33.54 -11.52
C4 NAG F . -7.54 34.08 -11.66
C5 NAG F . -8.51 33.21 -10.86
C6 NAG F . -9.96 33.60 -11.07
C7 NAG F . -3.89 31.24 -12.65
C8 NAG F . -2.55 30.73 -12.25
N2 NAG F . -4.73 31.53 -11.65
O3 NAG F . -5.21 34.21 -12.37
O4 NAG F . -7.63 35.41 -11.17
O5 NAG F . -8.40 31.84 -11.25
O6 NAG F . -10.42 33.18 -12.34
O7 NAG F . -4.22 31.36 -13.83
C1 NAG F . -7.23 36.37 -12.18
C2 NAG F . -8.40 37.26 -12.59
C3 NAG F . -8.75 38.26 -11.48
C4 NAG F . -7.55 39.07 -11.05
C5 NAG F . -6.34 38.19 -10.71
C6 NAG F . -6.45 37.48 -9.38
C7 NAG F . -8.95 37.85 -14.91
C8 NAG F . -8.53 38.62 -16.12
N2 NAG F . -8.14 37.95 -13.84
O3 NAG F . -9.34 37.59 -10.37
O4 NAG F . -7.17 39.98 -12.08
O5 NAG F . -6.10 37.20 -11.73
O6 NAG F . -5.18 37.12 -8.86
O7 NAG F . -9.97 37.17 -14.88
C1 NAG G . -36.22 23.34 3.82
C2 NAG G . -36.54 24.61 4.59
C3 NAG G . -35.55 25.72 4.23
C4 NAG G . -34.10 25.26 4.34
C5 NAG G . -33.87 23.84 3.79
C6 NAG G . -32.58 23.23 4.33
C7 NAG G . -38.89 24.91 5.24
C8 NAG G . -40.24 25.39 4.82
N2 NAG G . -37.91 25.04 4.35
O3 NAG G . -35.76 26.83 5.11
O4 NAG G . -33.36 26.12 3.49
O5 NAG G . -34.91 22.92 4.14
O6 NAG G . -32.16 22.12 3.56
O7 NAG G . -38.68 24.43 6.36
C1 NAG G . -32.11 26.82 3.88
C2 NAG G . -32.44 28.02 4.77
C3 NAG G . -31.17 28.83 5.01
C4 NAG G . -30.09 27.92 5.60
C5 NAG G . -29.90 26.63 4.79
C6 NAG G . -28.98 25.64 5.46
C7 NAG G . -33.52 29.36 3.00
C8 NAG G . -34.72 30.18 2.64
N2 NAG G . -33.50 28.85 4.22
O3 NAG G . -31.44 29.92 5.88
O4 NAG G . -28.85 28.63 5.63
O5 NAG G . -31.15 25.96 4.58
O6 NAG G . -27.80 25.42 4.70
O7 NAG G . -32.61 29.18 2.19
C1 NAG H . 18.95 -8.56 12.22
C2 NAG H . 19.70 -9.84 12.59
C3 NAG H . 20.33 -9.72 13.97
C4 NAG H . 21.16 -8.44 14.08
C5 NAG H . 20.30 -7.25 13.67
C6 NAG H . 21.04 -5.94 13.63
C7 NAG H . 18.87 -11.91 11.55
C8 NAG H . 17.91 -13.04 11.65
N2 NAG H . 18.82 -10.99 12.53
O3 NAG H . 21.16 -10.85 14.22
O4 NAG H . 21.63 -8.29 15.41
O5 NAG H . 19.81 -7.45 12.34
O6 NAG H . 22.05 -5.96 12.62
O7 NAG H . 19.67 -11.80 10.61
C1 NAG H . 23.02 -7.86 15.43
C2 NAG H . 23.29 -7.22 16.79
C3 NAG H . 24.76 -6.81 16.91
C4 NAG H . 25.71 -7.89 16.45
C5 NAG H . 25.26 -8.51 15.12
C6 NAG H . 26.06 -9.73 14.71
C7 NAG H . 21.34 -6.04 17.72
C8 NAG H . 20.62 -4.74 17.80
N2 NAG H . 22.44 -6.05 16.97
O3 NAG H . 25.04 -6.46 18.26
O4 NAG H . 26.96 -7.24 16.24
O5 NAG H . 23.90 -8.95 15.23
O6 NAG H . 26.02 -9.92 13.30
O7 NAG H . 20.95 -7.04 18.32
C1 BMA H . 27.98 -7.97 16.95
C2 BMA H . 29.34 -7.33 16.69
C3 BMA H . 30.45 -8.08 17.42
C4 BMA H . 30.08 -8.29 18.89
C5 BMA H . 28.67 -8.87 19.03
C6 BMA H . 28.28 -9.01 20.49
O2 BMA H . 29.32 -5.97 17.11
O3 BMA H . 31.66 -7.32 17.34
O4 BMA H . 31.02 -9.17 19.49
O5 BMA H . 27.74 -8.03 18.36
O6 BMA H . 28.77 -7.88 21.22
C1 NAG I . -2.96 0.20 33.87
C2 NAG I . -4.24 -0.37 34.41
C3 NAG I . -4.32 -0.12 35.92
C4 NAG I . -2.98 -0.39 36.62
C5 NAG I . -1.71 -0.26 35.76
C6 NAG I . -0.61 -1.21 36.20
C7 NAG I . -6.20 1.15 33.76
C8 NAG I . -5.72 2.27 34.64
N2 NAG I . -5.47 0.01 33.71
O3 NAG I . -5.36 -0.90 36.50
O4 NAG I . -2.82 0.61 37.63
O5 NAG I . -1.91 -0.51 34.36
O6 NAG I . 0.61 -0.95 35.53
O7 NAG I . -7.22 1.27 33.09
C1 NAG I . -3.18 0.12 38.93
C2 NAG I . -2.17 0.65 39.95
C3 NAG I . -2.56 0.21 41.36
C4 NAG I . -4.03 0.49 41.67
C5 NAG I . -4.94 0.06 40.51
C6 NAG I . -6.37 0.54 40.67
C7 NAG I . 0.23 1.02 39.59
C8 NAG I . 1.54 0.39 39.25
N2 NAG I . -0.83 0.20 39.63
O3 NAG I . -1.74 0.89 42.31
O4 NAG I . -4.40 -0.31 42.79
O5 NAG I . -4.46 0.59 39.27
O6 NAG I . -7.29 -0.38 40.09
O7 NAG I . 0.12 2.23 39.81
C1 BMA I . -4.84 0.49 43.90
C2 BMA I . -5.89 -0.38 44.62
C3 BMA I . -6.41 0.35 45.85
C4 BMA I . -5.26 0.86 46.69
C5 BMA I . -4.20 1.60 45.86
C6 BMA I . -2.98 1.88 46.72
O2 BMA I . -5.29 -1.58 45.08
O3 BMA I . -7.27 -0.47 46.63
O4 BMA I . -5.73 1.75 47.70
O5 BMA I . -3.80 0.78 44.77
O6 BMA I . -1.98 2.37 45.90
C1 NAG J . -18.96 -23.54 -15.67
C2 NAG J . -18.93 -25.05 -15.91
C3 NAG J . -20.22 -25.50 -16.62
C4 NAG J . -20.64 -24.54 -17.72
C5 NAG J . -20.66 -23.10 -17.23
C6 NAG J . -22.03 -22.49 -17.29
C7 NAG J . -16.60 -25.81 -16.12
C8 NAG J . -15.49 -26.15 -17.06
N2 NAG J . -17.75 -25.42 -16.68
O3 NAG J . -21.29 -25.75 -15.69
O4 NAG J . -19.77 -24.65 -18.84
O5 NAG J . -20.27 -23.06 -15.85
O6 NAG J . -22.88 -23.08 -16.32
O7 NAG J . -16.46 -25.89 -14.90
C1 NAG K . -44.02 -4.82 -0.98
C2 NAG K . -44.86 -4.28 -2.14
C3 NAG K . -44.42 -4.92 -3.43
C4 NAG K . -43.02 -4.47 -3.76
C5 NAG K . -42.07 -4.75 -2.59
C6 NAG K . -41.41 -3.50 -2.04
C7 NAG K . -47.09 -3.55 -1.40
C8 NAG K . -46.45 -2.23 -1.13
N2 NAG K . -46.28 -4.49 -1.89
O3 NAG K . -45.30 -4.50 -4.48
O4 NAG K . -42.55 -5.17 -4.91
O5 NAG K . -42.74 -5.39 -1.49
O6 NAG K . -40.12 -3.80 -1.49
O7 NAG K . -48.28 -3.75 -1.20
C1 NAG L . -35.06 4.00 25.46
C2 NAG L . -35.85 2.92 26.22
C3 NAG L . -34.92 2.17 27.19
C4 NAG L . -33.67 1.67 26.49
C5 NAG L . -32.99 2.82 25.77
C6 NAG L . -31.76 2.39 24.99
C7 NAG L . -38.24 3.36 26.49
C8 NAG L . -39.29 4.01 27.35
N2 NAG L . -36.98 3.48 26.92
O3 NAG L . -35.63 1.08 27.76
O4 NAG L . -32.77 1.10 27.43
O5 NAG L . -33.90 3.43 24.84
O6 NAG L . -31.98 2.48 23.58
O7 NAG L . -38.52 2.74 25.47
#